data_2PE5
#
_entry.id   2PE5
#
_cell.length_a   253.080
_cell.length_b   253.080
_cell.length_c   203.247
_cell.angle_alpha   90.00
_cell.angle_beta   90.00
_cell.angle_gamma   120.00
#
_symmetry.space_group_name_H-M   'H 3 2'
#
loop_
_entity.id
_entity.type
_entity.pdbx_description
1 polymer "DNA (5'-D(*DAP*DAP*DTP*DTP*DGP*DTP*DGP*DAP*DGP*DCP*DGP*DCP*DTP*DCP*DAP*DCP*DAP*DAP*DTP*DT)-3')"
2 polymer 'Lactose operon repressor'
3 non-polymer '2-nitrophenyl beta-D-galactopyranoside'
#
loop_
_entity_poly.entity_id
_entity_poly.type
_entity_poly.pdbx_seq_one_letter_code
_entity_poly.pdbx_strand_id
1 'polydeoxyribonucleotide' (DA)(DA)(DT)(DT)(DG)(DT)(DG)(DA)(DG)(DC)(DG)(DC)(DT)(DC)(DA)(DC)(DA)(DA)(DT)(DT) D,E,F
2 'polypeptide(L)'
;KPVTLYDVAEYAGVSYQTVSRVVNQASHVSAKTREKVEAAMAELNYIPNRVAQQLAGKQLLLIGVATSSLALHAPSQIVA
AIKSRADQLGASVVVSMVERSGVEACKAAVHNLLAQRVSGLIINYPLDDQDAIAVEAACTNVPALFLDVSDQTPINSIIF
SHEDGTRLGVEHLVALGHQQIALLAGPLSSVSARLRLAGWHKYLTRNQIQPIAEREGDWSAMSGFQQTMQMLNEGIVPTA
MLVANDQMALGAMRAITESGLRVGADISVVGYDDTEDSSCYIPPLTTIKQDFRLLGQTSVDRLLQLSQGQAVKGNQLLPV
SLVKRKTTLA
;
A,B,C
#
loop_
_chem_comp.id
_chem_comp.type
_chem_comp.name
_chem_comp.formula
145 D-saccharide '2-nitrophenyl beta-D-galactopyranoside' 'C12 H15 N O8'
DA DNA linking 2'-DEOXYADENOSINE-5'-MONOPHOSPHATE 'C10 H14 N5 O6 P'
DC DNA linking 2'-DEOXYCYTIDINE-5'-MONOPHOSPHATE 'C9 H14 N3 O7 P'
DG DNA linking 2'-DEOXYGUANOSINE-5'-MONOPHOSPHATE 'C10 H14 N5 O7 P'
DT DNA linking THYMIDINE-5'-MONOPHOSPHATE 'C10 H15 N2 O8 P'
#
# COMPACT_ATOMS: atom_id res chain seq x y z
N LYS D 1 3.37 40.59 13.95
CA LYS D 1 4.19 41.56 13.15
C LYS D 1 5.64 41.08 12.98
N PRO D 2 6.09 40.93 11.71
CA PRO D 2 7.44 40.49 11.36
C PRO D 2 8.46 41.63 11.31
N VAL D 3 9.73 41.30 11.09
CA VAL D 3 10.81 42.27 11.14
C VAL D 3 10.78 43.21 9.93
N THR D 4 10.68 44.51 10.23
CA THR D 4 10.61 45.55 9.21
C THR D 4 11.96 46.22 9.06
N LEU D 5 12.15 46.92 7.94
CA LEU D 5 13.31 47.76 7.71
C LEU D 5 13.36 48.91 8.72
N TYR D 6 12.17 49.38 9.11
CA TYR D 6 12.02 50.40 10.17
C TYR D 6 12.45 49.87 11.55
N ASP D 7 12.60 48.56 11.67
CA ASP D 7 13.05 47.91 12.91
C ASP D 7 14.56 47.65 12.95
N VAL D 8 15.18 47.57 11.77
CA VAL D 8 16.64 47.50 11.67
C VAL D 8 17.21 48.93 11.70
N ALA D 9 16.33 49.91 11.62
CA ALA D 9 16.72 51.33 11.67
C ALA D 9 17.22 51.76 13.05
N GLU D 10 16.40 51.55 14.08
CA GLU D 10 16.76 51.94 15.46
C GLU D 10 17.23 50.76 16.36
N TYR D 11 17.88 49.78 15.73
CA TYR D 11 18.62 48.73 16.43
C TYR D 11 20.09 48.78 16.04
N ALA D 12 20.36 49.04 14.76
CA ALA D 12 21.72 49.21 14.27
C ALA D 12 22.17 50.68 14.35
N GLY D 13 21.21 51.56 14.63
CA GLY D 13 21.46 52.99 14.80
C GLY D 13 21.52 53.80 13.53
N VAL D 14 20.78 53.35 12.50
CA VAL D 14 20.82 54.00 11.20
C VAL D 14 19.41 54.30 10.63
N SER D 15 19.32 54.47 9.31
CA SER D 15 18.05 54.74 8.64
C SER D 15 17.48 53.48 8.00
N TYR D 16 16.44 53.65 7.19
CA TYR D 16 15.92 52.53 6.40
C TYR D 16 16.70 52.35 5.11
N GLN D 17 17.07 53.46 4.47
CA GLN D 17 17.78 53.42 3.18
C GLN D 17 19.17 52.78 3.28
N THR D 18 19.76 52.78 4.47
CA THR D 18 21.07 52.15 4.69
C THR D 18 21.01 50.63 4.70
N VAL D 19 19.96 50.07 5.31
CA VAL D 19 19.73 48.63 5.32
C VAL D 19 19.40 48.19 3.89
N SER D 20 18.75 49.08 3.16
CA SER D 20 18.36 48.87 1.75
C SER D 20 19.55 48.64 0.82
N ARG D 21 20.66 49.34 1.07
CA ARG D 21 21.86 49.17 0.26
C ARG D 21 22.59 47.87 0.60
N VAL D 22 22.51 47.47 1.87
CA VAL D 22 23.17 46.25 2.34
C VAL D 22 22.63 45.01 1.63
N VAL D 23 21.31 44.81 1.68
CA VAL D 23 20.67 43.66 1.03
C VAL D 23 20.66 43.77 -0.50
N ASN D 24 20.76 44.99 -1.03
CA ASN D 24 20.75 45.21 -2.48
C ASN D 24 22.11 45.05 -3.15
N GLN D 25 23.17 45.42 -2.42
CA GLN D 25 24.55 45.38 -2.94
C GLN D 25 24.62 46.18 -4.26
N ALA D 26 24.20 47.45 -4.20
CA ALA D 26 23.89 48.22 -5.40
C ALA D 26 25.04 49.09 -5.95
N SER D 27 25.53 50.02 -5.14
CA SER D 27 26.53 51.01 -5.58
C SER D 27 27.82 50.98 -4.74
N HIS D 28 27.75 51.44 -3.50
CA HIS D 28 28.95 51.64 -2.67
C HIS D 28 29.16 50.55 -1.61
N VAL D 29 30.42 50.16 -1.44
CA VAL D 29 30.84 49.31 -0.33
C VAL D 29 31.00 50.19 0.92
N SER D 30 29.86 50.46 1.58
CA SER D 30 29.79 51.47 2.64
C SER D 30 30.52 51.10 3.95
N ALA D 31 31.84 51.19 3.91
CA ALA D 31 32.73 51.08 5.07
C ALA D 31 32.54 49.87 5.98
N LYS D 32 32.90 50.03 7.25
CA LYS D 32 32.75 49.01 8.28
C LYS D 32 31.41 49.16 9.00
N THR D 33 30.49 49.89 8.37
CA THR D 33 29.11 50.02 8.87
C THR D 33 28.26 48.87 8.31
N ARG D 34 28.71 48.29 7.20
CA ARG D 34 28.14 47.05 6.66
C ARG D 34 28.11 45.94 7.72
N GLU D 35 29.28 45.67 8.32
CA GLU D 35 29.46 44.71 9.41
C GLU D 35 28.43 44.85 10.53
N LYS D 36 28.04 46.10 10.83
CA LYS D 36 27.08 46.40 11.88
C LYS D 36 25.67 45.99 11.46
N VAL D 37 25.33 46.28 10.20
CA VAL D 37 24.00 46.00 9.65
C VAL D 37 23.81 44.51 9.33
N GLU D 38 24.90 43.86 8.89
CA GLU D 38 24.93 42.42 8.68
C GLU D 38 24.54 41.65 9.96
N ALA D 39 25.23 41.94 11.05
CA ALA D 39 24.97 41.30 12.35
C ALA D 39 23.63 41.74 12.95
N ALA D 40 23.15 42.90 12.54
CA ALA D 40 21.87 43.42 12.99
C ALA D 40 20.70 42.62 12.41
N MET D 41 20.64 42.52 11.08
CA MET D 41 19.54 41.83 10.41
C MET D 41 19.53 40.33 10.68
N ALA D 42 20.72 39.73 10.72
CA ALA D 42 20.87 38.30 11.00
C ALA D 42 20.55 37.89 12.45
N GLU D 43 20.52 38.87 13.36
CA GLU D 43 20.16 38.60 14.78
C GLU D 43 18.66 38.38 14.97
N LEU D 44 17.85 39.18 14.27
CA LEU D 44 16.38 39.09 14.36
C LEU D 44 15.77 38.26 13.22
N ASN D 45 16.65 37.56 12.48
CA ASN D 45 16.33 36.91 11.19
C ASN D 45 15.37 37.72 10.31
N TYR D 46 15.92 38.78 9.74
CA TYR D 46 15.14 39.65 8.87
C TYR D 46 15.18 39.07 7.46
N ILE D 47 13.99 38.86 6.90
CA ILE D 47 13.86 38.48 5.49
C ILE D 47 13.08 39.56 4.74
N PRO D 48 13.73 40.24 3.78
CA PRO D 48 13.10 41.32 3.03
C PRO D 48 11.79 40.91 2.34
N ASN D 49 10.68 41.47 2.81
CA ASN D 49 9.37 41.27 2.21
C ASN D 49 9.39 41.47 0.69
N ARG D 50 9.31 40.37 -0.04
CA ARG D 50 9.36 40.38 -1.51
C ARG D 50 8.09 40.94 -2.13
N VAL D 51 7.03 41.06 -1.33
CA VAL D 51 5.80 41.68 -1.78
C VAL D 51 5.96 43.20 -1.76
N ALA D 52 6.56 43.70 -0.67
CA ALA D 52 6.87 45.12 -0.54
C ALA D 52 7.96 45.55 -1.54
N GLN D 53 8.96 44.70 -1.78
CA GLN D 53 9.98 44.97 -2.79
C GLN D 53 9.37 45.12 -4.18
N GLN D 54 8.38 44.29 -4.49
CA GLN D 54 7.76 44.27 -5.81
C GLN D 54 6.91 45.51 -6.06
N LEU D 55 6.00 45.82 -5.14
CA LEU D 55 5.15 47.00 -5.26
C LEU D 55 6.00 48.26 -5.42
N ALA D 56 7.10 48.31 -4.67
CA ALA D 56 8.07 49.39 -4.75
C ALA D 56 8.62 49.54 -6.15
N GLY D 57 9.02 48.42 -6.75
CA GLY D 57 9.42 48.42 -8.16
C GLY D 57 10.74 47.74 -8.47
N LYS D 58 11.15 46.82 -7.60
CA LYS D 58 12.40 46.06 -7.74
C LYS D 58 12.39 45.27 -9.04
N GLN D 59 13.43 45.47 -9.84
CA GLN D 59 13.50 44.85 -11.17
C GLN D 59 13.78 43.34 -11.11
N LEU D 60 12.90 42.61 -10.40
CA LEU D 60 12.94 41.15 -10.33
C LEU D 60 12.05 40.54 -11.41
N LEU D 61 12.62 39.59 -12.14
CA LEU D 61 11.97 39.00 -13.29
C LEU D 61 11.08 37.84 -12.87
N LEU D 62 9.76 38.02 -12.93
CA LEU D 62 8.84 36.97 -12.48
C LEU D 62 7.97 36.38 -13.60
N ILE D 63 8.25 35.13 -13.95
CA ILE D 63 7.58 34.35 -15.00
C ILE D 63 6.31 33.69 -14.48
N GLY D 64 5.25 33.67 -15.30
CA GLY D 64 4.04 32.89 -14.99
C GLY D 64 3.94 31.68 -15.90
N VAL D 65 3.31 30.62 -15.40
CA VAL D 65 3.07 29.43 -16.22
C VAL D 65 1.64 28.95 -16.04
N ALA D 66 0.90 28.87 -17.14
CA ALA D 66 -0.39 28.20 -17.14
C ALA D 66 -0.10 26.82 -17.72
N THR D 67 -0.41 25.76 -16.98
CA THR D 67 0.01 24.42 -17.39
C THR D 67 -1.04 23.33 -17.15
N SER D 68 -1.12 22.37 -18.06
CA SER D 68 -1.97 21.18 -17.84
C SER D 68 -1.58 20.53 -16.51
N SER D 69 -2.46 19.69 -15.96
CA SER D 69 -2.20 19.00 -14.66
C SER D 69 -0.86 18.30 -14.57
N LEU D 70 -0.12 18.68 -13.53
CA LEU D 70 1.23 18.20 -13.32
C LEU D 70 1.28 16.71 -13.06
N ALA D 71 0.11 16.07 -12.98
CA ALA D 71 0.05 14.65 -12.70
C ALA D 71 0.47 13.87 -13.93
N LEU D 72 0.19 14.43 -15.10
CA LEU D 72 0.64 13.81 -16.34
C LEU D 72 2.16 13.93 -16.43
N HIS D 73 2.77 13.04 -17.20
CA HIS D 73 4.22 12.99 -17.27
C HIS D 73 4.82 14.28 -17.81
N ALA D 74 4.71 14.49 -19.11
CA ALA D 74 5.34 15.61 -19.80
C ALA D 74 5.21 17.00 -19.12
N PRO D 75 3.98 17.40 -18.73
CA PRO D 75 3.93 18.70 -18.12
C PRO D 75 4.82 18.81 -16.87
N SER D 76 4.71 17.85 -15.94
CA SER D 76 5.48 17.94 -14.70
C SER D 76 6.95 18.17 -15.05
N GLN D 77 7.50 17.27 -15.85
CA GLN D 77 8.87 17.33 -16.30
C GLN D 77 9.29 18.70 -16.83
N ILE D 78 8.37 19.35 -17.55
CA ILE D 78 8.65 20.65 -18.15
C ILE D 78 8.72 21.74 -17.09
N VAL D 79 7.72 21.83 -16.21
CA VAL D 79 7.76 22.80 -15.12
C VAL D 79 9.00 22.50 -14.34
N ALA D 80 9.26 21.21 -14.11
CA ALA D 80 10.47 20.79 -13.41
C ALA D 80 11.70 21.56 -13.92
N ALA D 81 11.85 21.61 -15.24
CA ALA D 81 12.96 22.34 -15.86
C ALA D 81 12.71 23.85 -16.00
N ILE D 82 11.44 24.26 -16.07
CA ILE D 82 11.12 25.68 -16.13
C ILE D 82 11.53 26.32 -14.81
N LYS D 83 11.18 25.64 -13.72
CA LYS D 83 11.49 26.07 -12.34
C LYS D 83 13.01 26.07 -12.10
N SER D 84 13.68 25.10 -12.70
CA SER D 84 15.11 24.98 -12.60
C SER D 84 15.85 26.08 -13.36
N ARG D 85 15.61 26.20 -14.67
CA ARG D 85 16.37 27.20 -15.45
C ARG D 85 16.09 28.63 -15.02
N ALA D 86 14.87 28.92 -14.58
CA ALA D 86 14.61 30.26 -14.06
C ALA D 86 15.43 30.49 -12.80
N ASP D 87 15.45 29.49 -11.91
CA ASP D 87 16.29 29.55 -10.71
C ASP D 87 17.75 29.80 -11.06
N GLN D 88 18.22 29.12 -12.11
CA GLN D 88 19.58 29.28 -12.57
C GLN D 88 19.86 30.73 -12.93
N LEU D 89 18.83 31.46 -13.34
CA LEU D 89 18.99 32.85 -13.80
C LEU D 89 18.57 33.88 -12.75
N GLY D 90 18.04 33.40 -11.62
CA GLY D 90 17.57 34.29 -10.58
C GLY D 90 16.24 34.89 -10.95
N ALA D 91 15.43 34.12 -11.66
CA ALA D 91 14.04 34.45 -11.90
C ALA D 91 13.21 33.52 -11.04
N SER D 92 12.20 34.04 -10.35
CA SER D 92 11.26 33.15 -9.69
C SER D 92 10.09 32.87 -10.63
N VAL D 93 9.32 31.82 -10.35
CA VAL D 93 8.25 31.37 -11.25
C VAL D 93 7.02 31.00 -10.45
N VAL D 94 5.88 31.56 -10.82
CA VAL D 94 4.63 31.10 -10.27
C VAL D 94 3.78 30.36 -11.32
N VAL D 95 3.48 29.10 -11.04
CA VAL D 95 2.70 28.24 -11.93
C VAL D 95 1.22 28.21 -11.52
N SER D 96 0.35 28.13 -12.53
CA SER D 96 -1.09 28.09 -12.31
C SER D 96 -1.68 27.00 -13.17
N MET D 97 -2.29 26.01 -12.52
CA MET D 97 -2.71 24.75 -13.16
C MET D 97 -4.12 24.79 -13.72
N VAL D 98 -4.30 24.26 -14.93
CA VAL D 98 -5.64 24.13 -15.51
C VAL D 98 -6.17 22.71 -15.39
N GLU D 99 -7.25 22.57 -14.65
CA GLU D 99 -7.88 21.27 -14.46
C GLU D 99 -9.14 21.13 -15.34
N ARG D 100 -10.05 22.09 -15.19
CA ARG D 100 -11.25 22.21 -16.02
C ARG D 100 -10.89 22.21 -17.51
N SER D 101 -11.83 21.75 -18.35
CA SER D 101 -11.60 21.65 -19.79
C SER D 101 -11.94 22.97 -20.48
N GLY D 102 -11.40 23.16 -21.69
CA GLY D 102 -11.79 24.30 -22.52
C GLY D 102 -10.93 25.56 -22.40
N VAL D 103 -11.29 26.57 -23.18
CA VAL D 103 -10.55 27.83 -23.26
C VAL D 103 -10.82 28.68 -22.04
N GLU D 104 -12.09 28.74 -21.65
CA GLU D 104 -12.49 29.60 -20.54
C GLU D 104 -11.68 29.30 -19.28
N ALA D 105 -11.31 28.04 -19.10
CA ALA D 105 -10.47 27.61 -17.99
C ALA D 105 -9.09 28.27 -18.04
N CYS D 106 -8.47 28.23 -19.22
CA CYS D 106 -7.13 28.73 -19.43
C CYS D 106 -7.13 30.25 -19.38
N LYS D 107 -8.23 30.85 -19.87
CA LYS D 107 -8.42 32.28 -19.77
C LYS D 107 -8.34 32.70 -18.30
N ALA D 108 -9.12 32.03 -17.44
CA ALA D 108 -9.14 32.26 -15.99
C ALA D 108 -7.77 32.06 -15.34
N ALA D 109 -7.09 30.98 -15.73
CA ALA D 109 -5.72 30.72 -15.30
C ALA D 109 -4.85 31.93 -15.60
N VAL D 110 -4.88 32.39 -16.86
CA VAL D 110 -4.17 33.59 -17.25
C VAL D 110 -4.61 34.78 -16.40
N HIS D 111 -5.92 34.94 -16.15
CA HIS D 111 -6.41 36.05 -15.33
C HIS D 111 -5.73 36.14 -13.95
N ASN D 112 -5.78 35.07 -13.16
CA ASN D 112 -5.21 35.12 -11.80
C ASN D 112 -3.69 34.92 -11.78
N LEU D 113 -3.09 34.85 -12.97
CA LEU D 113 -1.66 34.81 -13.13
C LEU D 113 -1.17 36.23 -13.46
N LEU D 114 -2.12 37.08 -13.84
CA LEU D 114 -1.83 38.48 -14.12
C LEU D 114 -1.87 39.28 -12.84
N ALA D 115 -2.77 38.90 -11.93
CA ALA D 115 -2.89 39.56 -10.64
C ALA D 115 -1.54 39.53 -9.90
N GLN D 116 -0.87 38.39 -9.95
CA GLN D 116 0.46 38.22 -9.35
C GLN D 116 1.50 39.03 -10.12
N ARG D 117 1.06 39.64 -11.22
CA ARG D 117 1.86 40.57 -12.05
C ARG D 117 3.13 39.99 -12.66
N VAL D 118 3.03 38.78 -13.20
CA VAL D 118 4.12 38.20 -13.96
C VAL D 118 4.56 39.10 -15.14
N SER D 119 5.83 39.01 -15.53
CA SER D 119 6.33 39.78 -16.66
C SER D 119 6.42 38.91 -17.92
N GLY D 120 5.29 38.29 -18.27
CA GLY D 120 5.22 37.28 -19.35
C GLY D 120 4.96 35.86 -18.87
N LEU D 121 4.17 35.10 -19.63
CA LEU D 121 3.80 33.75 -19.19
C LEU D 121 3.98 32.65 -20.22
N ILE D 122 4.37 31.47 -19.73
CA ILE D 122 4.50 30.29 -20.57
C ILE D 122 3.21 29.48 -20.50
N ILE D 123 2.53 29.35 -21.63
CA ILE D 123 1.28 28.61 -21.66
C ILE D 123 1.48 27.20 -22.21
N ASN D 124 1.61 26.25 -21.30
CA ASN D 124 1.63 24.84 -21.62
C ASN D 124 0.25 24.25 -21.35
N TYR D 125 -0.69 24.58 -22.24
CA TYR D 125 -2.04 24.00 -22.27
C TYR D 125 -2.45 23.82 -23.73
N PRO D 126 -3.09 22.69 -24.06
CA PRO D 126 -3.53 22.48 -25.45
C PRO D 126 -4.61 23.49 -25.89
N LEU D 127 -4.37 24.13 -27.03
CA LEU D 127 -5.18 25.26 -27.49
C LEU D 127 -5.30 25.27 -29.02
N ASP D 128 -6.52 25.25 -29.53
CA ASP D 128 -6.78 25.43 -30.97
C ASP D 128 -6.38 26.85 -31.36
N ASP D 129 -6.11 27.11 -32.64
CA ASP D 129 -5.55 28.41 -33.07
C ASP D 129 -6.26 29.66 -32.56
N GLN D 130 -7.57 29.75 -32.81
CA GLN D 130 -8.32 30.94 -32.43
C GLN D 130 -8.39 31.15 -30.94
N ASP D 131 -8.29 30.07 -30.18
CA ASP D 131 -8.28 30.15 -28.73
C ASP D 131 -6.91 30.61 -28.29
N ALA D 132 -5.87 30.05 -28.90
CA ALA D 132 -4.52 30.48 -28.65
C ALA D 132 -4.37 32.00 -28.85
N ILE D 133 -5.02 32.53 -29.90
CA ILE D 133 -4.96 33.97 -30.20
C ILE D 133 -5.70 34.77 -29.13
N ALA D 134 -6.82 34.23 -28.69
CA ALA D 134 -7.65 34.87 -27.68
C ALA D 134 -6.93 34.87 -26.35
N VAL D 135 -6.10 33.84 -26.12
CA VAL D 135 -5.37 33.76 -24.86
C VAL D 135 -4.23 34.78 -24.85
N GLU D 136 -3.41 34.75 -25.90
CA GLU D 136 -2.36 35.76 -26.15
C GLU D 136 -2.87 37.21 -26.01
N ALA D 137 -4.09 37.46 -26.45
CA ALA D 137 -4.70 38.78 -26.31
C ALA D 137 -4.88 39.18 -24.85
N ALA D 138 -5.48 38.29 -24.07
CA ALA D 138 -5.78 38.52 -22.64
C ALA D 138 -4.56 38.81 -21.77
N CYS D 139 -3.38 38.42 -22.28
CA CYS D 139 -2.08 38.68 -21.65
C CYS D 139 -1.68 40.12 -21.84
N THR D 140 -2.37 41.03 -21.14
CA THR D 140 -2.21 42.46 -21.38
C THR D 140 -0.76 42.94 -21.16
N ASN D 141 -0.18 43.53 -22.22
CA ASN D 141 1.16 44.15 -22.18
C ASN D 141 2.31 43.17 -21.85
N VAL D 142 1.99 41.88 -21.77
CA VAL D 142 2.97 40.86 -21.37
C VAL D 142 3.11 39.74 -22.40
N PRO D 143 4.35 39.34 -22.70
CA PRO D 143 4.56 38.39 -23.79
C PRO D 143 4.16 36.96 -23.42
N ALA D 144 3.40 36.31 -24.30
CA ALA D 144 3.05 34.92 -24.06
C ALA D 144 3.95 34.04 -24.93
N LEU D 145 4.34 32.87 -24.41
CA LEU D 145 5.00 31.83 -25.19
C LEU D 145 4.21 30.56 -25.05
N PHE D 146 3.65 30.07 -26.15
CA PHE D 146 2.81 28.88 -26.11
C PHE D 146 3.57 27.60 -26.37
N LEU D 147 3.15 26.53 -25.72
CA LEU D 147 3.90 25.28 -25.76
C LEU D 147 3.09 24.08 -26.21
N ASP D 148 1.77 24.23 -26.30
CA ASP D 148 0.91 23.14 -26.74
C ASP D 148 -0.08 23.63 -27.80
N VAL D 149 0.47 24.31 -28.81
CA VAL D 149 -0.26 24.78 -29.99
C VAL D 149 0.47 24.25 -31.19
N SER D 150 -0.10 24.43 -32.38
CA SER D 150 0.52 23.96 -33.61
C SER D 150 1.54 24.93 -34.19
N ASP D 151 2.43 24.40 -35.04
CA ASP D 151 3.44 25.23 -35.72
C ASP D 151 2.79 26.34 -36.57
N GLN D 152 1.61 26.06 -37.12
CA GLN D 152 0.91 27.00 -37.97
C GLN D 152 0.21 28.10 -37.20
N THR D 153 -0.04 27.87 -35.91
CA THR D 153 -0.69 28.88 -35.07
C THR D 153 0.18 30.11 -34.98
N PRO D 154 -0.38 31.28 -35.35
CA PRO D 154 0.38 32.54 -35.45
C PRO D 154 0.63 33.26 -34.12
N ILE D 155 1.20 32.55 -33.16
CA ILE D 155 1.69 33.15 -31.92
C ILE D 155 3.09 32.59 -31.63
N ASN D 156 3.64 32.96 -30.47
CA ASN D 156 4.93 32.43 -30.04
C ASN D 156 4.80 31.00 -29.57
N SER D 157 5.65 30.13 -30.09
CA SER D 157 5.54 28.73 -29.77
C SER D 157 6.89 28.06 -29.82
N ILE D 158 7.11 27.18 -28.85
CA ILE D 158 8.13 26.16 -28.96
C ILE D 158 7.38 24.86 -28.91
N ILE D 159 7.62 24.03 -29.92
CA ILE D 159 7.11 22.68 -29.92
C ILE D 159 8.24 21.80 -30.35
N PHE D 160 8.16 20.52 -30.01
CA PHE D 160 9.09 19.55 -30.56
C PHE D 160 8.69 19.31 -32.00
N SER D 161 9.68 18.94 -32.82
CA SER D 161 9.43 18.67 -34.23
C SER D 161 8.66 17.36 -34.39
N HIS D 162 7.34 17.48 -34.47
CA HIS D 162 6.48 16.31 -34.58
C HIS D 162 6.63 15.78 -35.98
N GLU D 163 6.96 16.69 -36.88
CA GLU D 163 7.30 16.32 -38.24
C GLU D 163 8.44 15.27 -38.21
N ASP D 164 9.55 15.61 -37.53
CA ASP D 164 10.69 14.72 -37.43
C ASP D 164 10.41 13.44 -36.67
N GLY D 165 9.74 13.56 -35.53
CA GLY D 165 9.40 12.39 -34.73
C GLY D 165 8.67 11.36 -35.58
N THR D 166 7.60 11.80 -36.21
CA THR D 166 6.74 10.92 -36.97
C THR D 166 7.42 10.42 -38.22
N ARG D 167 8.29 11.23 -38.80
CA ARG D 167 9.11 10.74 -39.90
C ARG D 167 9.92 9.57 -39.34
N LEU D 168 10.87 9.90 -38.45
CA LEU D 168 11.77 8.94 -37.80
C LEU D 168 11.15 7.56 -37.58
N GLY D 169 9.96 7.56 -36.99
CA GLY D 169 9.26 6.32 -36.67
C GLY D 169 8.82 5.55 -37.90
N VAL D 170 8.02 6.21 -38.74
CA VAL D 170 7.47 5.63 -39.96
C VAL D 170 8.60 5.16 -40.88
N GLU D 171 9.51 6.09 -41.15
CA GLU D 171 10.66 5.86 -42.01
C GLU D 171 11.55 4.72 -41.53
N HIS D 172 11.40 4.35 -40.26
CA HIS D 172 12.20 3.31 -39.63
C HIS D 172 11.47 1.97 -39.69
N LEU D 173 10.29 1.89 -39.09
CA LEU D 173 9.43 0.71 -39.21
C LEU D 173 9.39 0.16 -40.64
N VAL D 174 9.39 1.08 -41.61
CA VAL D 174 9.24 0.71 -43.01
C VAL D 174 10.52 0.06 -43.53
N ALA D 175 11.66 0.60 -43.11
CA ALA D 175 12.96 0.09 -43.48
C ALA D 175 13.19 -1.29 -42.87
N LEU D 176 12.37 -1.63 -41.89
CA LEU D 176 12.38 -2.96 -41.29
C LEU D 176 11.47 -3.93 -42.05
N GLY D 177 10.93 -3.47 -43.18
CA GLY D 177 9.97 -4.25 -43.95
C GLY D 177 8.67 -4.41 -43.19
N HIS D 178 7.89 -3.34 -43.12
CA HIS D 178 6.58 -3.36 -42.48
C HIS D 178 5.55 -2.73 -43.44
N GLN D 179 4.37 -3.34 -43.53
CA GLN D 179 3.27 -2.77 -44.34
C GLN D 179 1.97 -2.77 -43.56
N GLN D 180 1.75 -3.83 -42.78
CA GLN D 180 0.58 -3.91 -41.93
C GLN D 180 0.84 -3.17 -40.62
N ILE D 181 0.64 -1.85 -40.62
CA ILE D 181 0.98 -1.00 -39.48
C ILE D 181 -0.31 -0.48 -38.84
N ALA D 182 -0.36 -0.39 -37.51
CA ALA D 182 -1.49 0.29 -36.83
C ALA D 182 -1.05 1.60 -36.15
N LEU D 183 -2.01 2.45 -35.78
CA LEU D 183 -1.71 3.69 -35.06
C LEU D 183 -2.44 3.80 -33.73
N LEU D 184 -1.75 4.36 -32.76
CA LEU D 184 -2.37 4.68 -31.50
C LEU D 184 -1.99 6.10 -31.19
N ALA D 185 -2.97 7.00 -31.26
CA ALA D 185 -2.72 8.42 -31.07
C ALA D 185 -3.17 8.90 -29.70
N GLY D 186 -2.75 10.11 -29.35
CA GLY D 186 -3.09 10.72 -28.07
C GLY D 186 -4.56 11.05 -28.04
N PRO D 187 -5.09 11.50 -26.87
CA PRO D 187 -6.48 11.89 -26.86
C PRO D 187 -6.61 13.09 -27.78
N LEU D 188 -7.57 13.01 -28.69
CA LEU D 188 -7.61 13.92 -29.82
C LEU D 188 -7.78 15.38 -29.38
N SER D 189 -8.15 15.58 -28.12
CA SER D 189 -8.27 16.91 -27.52
C SER D 189 -6.95 17.67 -27.48
N SER D 190 -5.84 16.93 -27.33
CA SER D 190 -4.52 17.53 -27.23
C SER D 190 -3.96 17.83 -28.60
N VAL D 191 -3.56 19.08 -28.82
CA VAL D 191 -2.91 19.48 -30.06
C VAL D 191 -1.73 18.57 -30.41
N SER D 192 -0.77 18.45 -29.49
CA SER D 192 0.44 17.68 -29.78
C SER D 192 0.09 16.25 -30.19
N ALA D 193 -1.00 15.74 -29.65
CA ALA D 193 -1.51 14.44 -30.06
C ALA D 193 -1.85 14.43 -31.56
N ARG D 194 -2.54 15.48 -32.00
CA ARG D 194 -3.03 15.62 -33.37
C ARG D 194 -1.89 15.89 -34.31
N LEU D 195 -0.92 16.67 -33.85
CA LEU D 195 0.28 16.90 -34.62
C LEU D 195 1.00 15.58 -34.89
N ARG D 196 1.01 14.70 -33.90
CA ARG D 196 1.69 13.44 -34.06
C ARG D 196 0.91 12.52 -34.99
N LEU D 197 -0.41 12.47 -34.81
CA LEU D 197 -1.24 11.64 -35.68
C LEU D 197 -1.01 12.10 -37.10
N ALA D 198 -1.11 13.42 -37.31
CA ALA D 198 -0.96 14.01 -38.63
C ALA D 198 0.37 13.65 -39.28
N GLY D 199 1.48 13.84 -38.55
CA GLY D 199 2.78 13.48 -39.08
C GLY D 199 2.89 12.02 -39.47
N TRP D 200 2.20 11.16 -38.74
CA TRP D 200 2.16 9.75 -39.09
C TRP D 200 1.50 9.61 -40.45
N HIS D 201 0.24 10.05 -40.54
CA HIS D 201 -0.50 10.01 -41.79
C HIS D 201 0.36 10.53 -42.94
N LYS D 202 0.85 11.75 -42.80
CA LYS D 202 1.75 12.34 -43.79
C LYS D 202 2.77 11.31 -44.27
N TYR D 203 3.62 10.82 -43.40
CA TYR D 203 4.74 10.01 -43.85
C TYR D 203 4.40 8.58 -44.26
N LEU D 204 3.34 8.03 -43.68
CA LEU D 204 2.87 6.71 -44.08
C LEU D 204 2.37 6.73 -45.53
N THR D 205 1.70 7.82 -45.88
CA THR D 205 1.26 8.07 -47.25
C THR D 205 2.46 8.28 -48.19
N ARG D 206 3.41 9.14 -47.82
CA ARG D 206 4.65 9.30 -48.59
C ARG D 206 5.36 7.98 -48.88
N ASN D 207 4.96 6.92 -48.18
CA ASN D 207 5.58 5.61 -48.37
C ASN D 207 4.59 4.60 -48.93
N GLN D 208 3.54 5.10 -49.56
CA GLN D 208 2.47 4.28 -50.15
C GLN D 208 1.97 3.21 -49.18
N ILE D 209 1.56 3.63 -47.98
CA ILE D 209 1.01 2.73 -46.97
C ILE D 209 -0.29 3.27 -46.37
N GLN D 210 -1.30 2.41 -46.28
CA GLN D 210 -2.50 2.72 -45.53
C GLN D 210 -2.46 2.02 -44.15
N PRO D 211 -2.76 2.74 -43.06
CA PRO D 211 -2.79 2.10 -41.74
C PRO D 211 -4.03 1.23 -41.54
N ILE D 212 -3.82 -0.03 -41.19
CA ILE D 212 -4.92 -0.98 -41.01
C ILE D 212 -5.80 -0.74 -39.78
N ALA D 213 -5.33 0.10 -38.86
CA ALA D 213 -6.11 0.51 -37.70
C ALA D 213 -5.67 1.88 -37.19
N GLU D 214 -6.66 2.60 -36.66
CA GLU D 214 -6.45 3.87 -35.96
C GLU D 214 -7.36 3.89 -34.72
N ARG D 215 -6.74 3.94 -33.54
CA ARG D 215 -7.50 3.98 -32.29
C ARG D 215 -6.96 5.11 -31.45
N GLU D 216 -7.80 5.62 -30.55
CA GLU D 216 -7.53 6.85 -29.79
C GLU D 216 -7.29 6.56 -28.31
N GLY D 217 -6.10 6.91 -27.83
CA GLY D 217 -5.75 6.69 -26.42
C GLY D 217 -5.96 7.92 -25.56
N ASP D 218 -5.54 7.86 -24.29
CA ASP D 218 -5.65 9.04 -23.44
C ASP D 218 -4.36 9.35 -22.67
N TRP D 219 -3.26 8.90 -23.26
CA TRP D 219 -1.90 8.98 -22.69
C TRP D 219 -1.64 7.85 -21.68
N SER D 220 -2.70 7.40 -20.99
CA SER D 220 -2.60 6.38 -19.95
C SER D 220 -2.26 5.03 -20.55
N ALA D 221 -1.53 4.22 -19.78
CA ALA D 221 -1.14 2.87 -20.19
C ALA D 221 -2.35 1.95 -20.29
N MET D 222 -3.30 2.16 -19.39
CA MET D 222 -4.49 1.35 -19.40
C MET D 222 -5.23 1.52 -20.71
N SER D 223 -5.36 2.77 -21.18
CA SER D 223 -6.05 3.00 -22.44
C SER D 223 -5.26 2.36 -23.59
N GLY D 224 -3.98 2.66 -23.68
CA GLY D 224 -3.11 1.97 -24.62
C GLY D 224 -3.24 0.46 -24.55
N PHE D 225 -3.61 -0.06 -23.39
CA PHE D 225 -3.81 -1.49 -23.24
C PHE D 225 -5.11 -1.92 -23.91
N GLN D 226 -6.23 -1.58 -23.29
CA GLN D 226 -7.53 -1.95 -23.79
C GLN D 226 -7.84 -1.42 -25.20
N GLN D 227 -7.15 -0.36 -25.60
CA GLN D 227 -7.29 0.12 -26.96
C GLN D 227 -6.64 -0.84 -27.95
N THR D 228 -5.52 -1.47 -27.57
CA THR D 228 -4.91 -2.45 -28.44
C THR D 228 -5.63 -3.79 -28.34
N MET D 229 -6.18 -4.08 -27.18
CA MET D 229 -6.95 -5.31 -27.01
C MET D 229 -8.24 -5.29 -27.82
N GLN D 230 -8.98 -4.17 -27.76
CA GLN D 230 -10.25 -4.09 -28.50
C GLN D 230 -10.07 -4.08 -30.02
N MET D 231 -8.83 -3.85 -30.48
CA MET D 231 -8.50 -3.95 -31.89
C MET D 231 -8.06 -5.37 -32.28
N LEU D 232 -7.28 -6.02 -31.41
CA LEU D 232 -6.83 -7.40 -31.65
C LEU D 232 -7.98 -8.39 -31.51
N ASN D 233 -8.98 -8.06 -30.71
CA ASN D 233 -10.18 -8.89 -30.60
C ASN D 233 -11.14 -8.75 -31.77
N GLU D 234 -11.00 -7.64 -32.50
CA GLU D 234 -11.74 -7.42 -33.74
C GLU D 234 -11.19 -8.31 -34.86
N GLY D 235 -9.88 -8.47 -34.90
CA GLY D 235 -9.27 -9.32 -35.90
C GLY D 235 -8.09 -8.66 -36.58
N ILE D 236 -8.01 -7.34 -36.46
CA ILE D 236 -6.88 -6.59 -37.01
C ILE D 236 -5.63 -6.96 -36.21
N VAL D 237 -4.55 -7.30 -36.91
CA VAL D 237 -3.31 -7.74 -36.27
C VAL D 237 -2.09 -7.25 -37.04
N PRO D 238 -1.68 -5.98 -36.83
CA PRO D 238 -0.57 -5.43 -37.61
C PRO D 238 0.73 -6.11 -37.30
N THR D 239 1.81 -5.65 -37.91
CA THR D 239 3.11 -6.15 -37.55
C THR D 239 3.91 -5.03 -36.87
N ALA D 240 3.36 -3.83 -36.88
CA ALA D 240 3.95 -2.71 -36.17
C ALA D 240 2.84 -1.79 -35.66
N MET D 241 3.10 -1.13 -34.53
CA MET D 241 2.27 -0.02 -34.10
C MET D 241 3.13 1.24 -34.07
N LEU D 242 2.51 2.39 -34.30
CA LEU D 242 3.10 3.66 -33.91
C LEU D 242 2.20 4.20 -32.83
N VAL D 243 2.79 4.52 -31.68
CA VAL D 243 2.01 4.90 -30.50
C VAL D 243 2.40 6.31 -30.02
N ALA D 244 1.42 7.05 -29.52
CA ALA D 244 1.58 8.47 -29.21
C ALA D 244 2.56 8.81 -28.08
N ASN D 245 2.78 7.86 -27.18
CA ASN D 245 3.71 8.02 -26.07
C ASN D 245 4.13 6.67 -25.52
N ASP D 246 5.21 6.67 -24.72
CA ASP D 246 5.77 5.44 -24.16
C ASP D 246 4.76 4.73 -23.28
N GLN D 247 3.92 5.51 -22.60
CA GLN D 247 3.01 4.97 -21.62
C GLN D 247 1.89 4.12 -22.21
N MET D 248 1.26 4.61 -23.28
CA MET D 248 0.24 3.83 -23.95
C MET D 248 0.92 2.65 -24.66
N ALA D 249 2.11 2.93 -25.21
CA ALA D 249 2.95 1.88 -25.77
C ALA D 249 3.06 0.74 -24.78
N LEU D 250 3.31 1.09 -23.51
CA LEU D 250 3.46 0.09 -22.47
C LEU D 250 2.24 -0.84 -22.46
N GLY D 251 1.04 -0.25 -22.40
CA GLY D 251 -0.19 -1.02 -22.37
C GLY D 251 -0.39 -1.84 -23.64
N ALA D 252 0.00 -1.26 -24.76
CA ALA D 252 0.05 -1.95 -26.04
C ALA D 252 0.83 -3.25 -25.89
N MET D 253 2.08 -3.14 -25.44
CA MET D 253 2.94 -4.29 -25.20
C MET D 253 2.31 -5.34 -24.28
N ARG D 254 1.73 -4.90 -23.16
CA ARG D 254 0.96 -5.76 -22.28
C ARG D 254 -0.06 -6.50 -23.14
N ALA D 255 -0.90 -5.72 -23.84
CA ALA D 255 -1.96 -6.27 -24.71
C ALA D 255 -1.44 -7.25 -25.73
N ILE D 256 -0.38 -6.85 -26.44
CA ILE D 256 0.26 -7.73 -27.41
C ILE D 256 0.69 -9.04 -26.74
N THR D 257 1.42 -8.92 -25.63
CA THR D 257 1.94 -10.07 -24.88
C THR D 257 0.82 -10.92 -24.32
N GLU D 258 -0.09 -10.32 -23.55
CA GLU D 258 -1.14 -11.09 -22.90
C GLU D 258 -2.02 -11.84 -23.89
N SER D 259 -2.05 -11.36 -25.13
CA SER D 259 -2.84 -11.95 -26.20
C SER D 259 -2.27 -13.30 -26.61
N GLY D 260 -0.96 -13.32 -26.89
CA GLY D 260 -0.25 -14.55 -27.16
C GLY D 260 0.81 -14.37 -28.21
N LEU D 261 1.45 -13.20 -28.24
CA LEU D 261 2.40 -12.87 -29.29
C LEU D 261 3.59 -12.06 -28.78
N ARG D 262 4.74 -12.27 -29.42
CA ARG D 262 6.01 -11.64 -29.04
C ARG D 262 6.10 -10.19 -29.47
N VAL D 263 6.16 -9.29 -28.49
CA VAL D 263 6.43 -7.88 -28.78
C VAL D 263 7.76 -7.82 -29.54
N GLY D 264 7.82 -6.99 -30.56
CA GLY D 264 9.00 -6.92 -31.42
C GLY D 264 8.83 -7.79 -32.65
N ALA D 265 9.18 -9.07 -32.51
CA ALA D 265 9.18 -10.01 -33.64
C ALA D 265 7.80 -10.22 -34.28
N ASP D 266 6.77 -10.47 -33.48
CA ASP D 266 5.42 -10.66 -34.02
C ASP D 266 4.70 -9.34 -34.33
N ILE D 267 4.75 -8.39 -33.40
CA ILE D 267 4.22 -7.05 -33.62
C ILE D 267 5.17 -6.02 -33.01
N SER D 268 5.95 -5.35 -33.84
CA SER D 268 6.86 -4.33 -33.33
C SER D 268 6.11 -3.13 -32.76
N VAL D 269 6.79 -2.32 -31.94
CA VAL D 269 6.21 -1.11 -31.37
C VAL D 269 7.21 0.06 -31.38
N VAL D 270 6.71 1.27 -31.59
CA VAL D 270 7.47 2.52 -31.40
C VAL D 270 6.68 3.50 -30.53
N GLY D 271 7.26 3.86 -29.38
CA GLY D 271 6.65 4.84 -28.48
C GLY D 271 7.10 6.25 -28.81
N TYR D 272 6.70 7.20 -27.96
CA TYR D 272 7.06 8.61 -28.18
C TYR D 272 7.26 9.26 -26.81
N ASP D 273 8.45 9.83 -26.57
CA ASP D 273 8.85 10.48 -25.30
C ASP D 273 10.26 10.14 -24.81
N ASP D 274 10.60 8.85 -24.84
CA ASP D 274 11.78 8.32 -24.15
C ASP D 274 11.72 8.70 -22.70
N THR D 275 10.74 8.15 -22.00
CA THR D 275 10.67 8.31 -20.55
C THR D 275 11.78 7.49 -19.93
N GLU D 276 12.20 7.89 -18.73
CA GLU D 276 13.17 7.13 -17.96
C GLU D 276 12.80 5.65 -17.88
N ASP D 277 11.52 5.36 -17.61
CA ASP D 277 11.06 3.97 -17.46
C ASP D 277 11.06 3.17 -18.76
N SER D 278 11.09 3.87 -19.89
CA SER D 278 10.99 3.20 -21.19
C SER D 278 12.14 2.25 -21.42
N SER D 279 13.31 2.56 -20.86
CA SER D 279 14.50 1.76 -21.08
C SER D 279 14.47 0.43 -20.37
N CYS D 280 13.46 0.21 -19.53
CA CYS D 280 13.34 -1.01 -18.74
C CYS D 280 12.00 -1.70 -18.92
N TYR D 281 11.27 -1.31 -19.96
CA TYR D 281 10.05 -2.02 -20.35
C TYR D 281 10.46 -3.40 -20.83
N ILE D 282 9.54 -4.35 -20.87
CA ILE D 282 9.87 -5.69 -21.34
C ILE D 282 9.30 -5.99 -22.72
N PRO D 283 10.14 -6.00 -23.77
CA PRO D 283 11.57 -5.64 -23.86
C PRO D 283 11.75 -4.13 -23.93
N PRO D 284 12.98 -3.62 -23.76
CA PRO D 284 13.15 -2.18 -23.77
C PRO D 284 12.56 -1.56 -25.03
N LEU D 285 11.77 -0.51 -24.85
CA LEU D 285 10.93 0.07 -25.89
C LEU D 285 11.65 1.07 -26.80
N THR D 286 11.46 0.90 -28.11
CA THR D 286 11.97 1.83 -29.12
C THR D 286 11.10 3.05 -29.07
N THR D 287 11.73 4.23 -29.08
CA THR D 287 10.96 5.46 -28.95
C THR D 287 11.69 6.68 -29.52
N ILE D 288 11.01 7.83 -29.44
CA ILE D 288 11.52 9.08 -29.94
C ILE D 288 11.96 9.99 -28.78
N LYS D 289 13.26 10.25 -28.66
CA LYS D 289 13.76 11.09 -27.56
C LYS D 289 13.28 12.52 -27.68
N GLN D 290 12.50 12.96 -26.71
CA GLN D 290 12.00 14.32 -26.67
C GLN D 290 12.56 14.99 -25.42
N ASP D 291 13.64 15.77 -25.57
CA ASP D 291 14.37 16.29 -24.39
C ASP D 291 13.59 17.33 -23.56
N PHE D 292 12.70 16.86 -22.68
CA PHE D 292 11.86 17.76 -21.88
C PHE D 292 12.64 18.86 -21.17
N ARG D 293 13.79 18.48 -20.63
CA ARG D 293 14.64 19.40 -19.93
C ARG D 293 15.02 20.52 -20.89
N LEU D 294 15.39 20.17 -22.12
CA LEU D 294 15.70 21.20 -23.11
C LEU D 294 14.54 22.17 -23.21
N LEU D 295 13.36 21.65 -23.51
CA LEU D 295 12.18 22.47 -23.76
C LEU D 295 11.93 23.48 -22.66
N GLY D 296 11.94 23.01 -21.41
CA GLY D 296 11.73 23.87 -20.25
C GLY D 296 12.81 24.93 -20.07
N GLN D 297 14.05 24.55 -20.43
CA GLN D 297 15.19 25.46 -20.38
C GLN D 297 15.04 26.58 -21.40
N THR D 298 14.72 26.19 -22.65
CA THR D 298 14.62 27.13 -23.79
C THR D 298 13.43 28.04 -23.63
N SER D 299 12.32 27.48 -23.19
CA SER D 299 11.10 28.22 -22.88
C SER D 299 11.44 29.43 -22.03
N VAL D 300 12.12 29.17 -20.92
CA VAL D 300 12.46 30.21 -19.97
C VAL D 300 13.37 31.25 -20.58
N ASP D 301 14.33 30.81 -21.38
CA ASP D 301 15.19 31.75 -22.07
C ASP D 301 14.40 32.58 -23.06
N ARG D 302 13.52 31.94 -23.83
CA ARG D 302 12.76 32.71 -24.81
C ARG D 302 11.83 33.72 -24.14
N LEU D 303 10.97 33.29 -23.22
CA LEU D 303 10.11 34.25 -22.52
C LEU D 303 10.93 35.44 -22.03
N LEU D 304 12.17 35.18 -21.64
CA LEU D 304 13.05 36.24 -21.17
C LEU D 304 13.43 37.21 -22.29
N GLN D 305 13.96 36.64 -23.37
CA GLN D 305 14.27 37.40 -24.58
C GLN D 305 13.02 38.17 -25.01
N LEU D 306 11.88 37.48 -25.05
CA LEU D 306 10.58 38.08 -25.36
C LEU D 306 10.16 39.25 -24.47
N SER D 307 10.49 39.18 -23.18
CA SER D 307 10.05 40.20 -22.24
C SER D 307 10.80 41.51 -22.42
N GLN D 308 12.08 41.41 -22.78
CA GLN D 308 12.94 42.58 -22.88
C GLN D 308 12.84 43.30 -24.23
N GLY D 309 12.33 42.62 -25.24
CA GLY D 309 12.16 43.22 -26.57
C GLY D 309 13.06 42.62 -27.63
N GLN D 310 14.05 41.85 -27.18
CA GLN D 310 14.92 41.06 -28.05
C GLN D 310 14.03 40.31 -29.03
N ALA D 311 13.93 40.85 -30.24
CA ALA D 311 12.93 40.41 -31.22
C ALA D 311 13.14 38.99 -31.81
N VAL D 312 12.67 37.98 -31.09
CA VAL D 312 12.66 36.61 -31.63
C VAL D 312 11.24 36.05 -31.63
N LYS D 313 10.34 36.78 -32.30
CA LYS D 313 8.91 36.48 -32.31
C LYS D 313 8.61 35.24 -33.13
N GLY D 314 7.46 34.63 -32.86
CA GLY D 314 6.97 33.50 -33.66
C GLY D 314 7.21 32.12 -33.10
N ASN D 315 7.57 31.19 -33.99
CA ASN D 315 7.64 29.76 -33.67
C ASN D 315 9.04 29.18 -33.77
N GLN D 316 9.30 28.19 -32.92
CA GLN D 316 10.61 27.53 -32.80
C GLN D 316 10.40 26.02 -32.66
N LEU D 317 11.08 25.25 -33.49
CA LEU D 317 11.00 23.80 -33.41
C LEU D 317 12.22 23.23 -32.69
N LEU D 318 12.01 22.18 -31.91
CA LEU D 318 13.06 21.54 -31.13
C LEU D 318 13.33 20.14 -31.66
N PRO D 319 14.60 19.72 -31.68
CA PRO D 319 15.03 18.44 -32.25
C PRO D 319 14.53 17.21 -31.50
N VAL D 320 14.39 16.10 -32.20
CA VAL D 320 14.12 14.80 -31.57
C VAL D 320 15.10 13.72 -32.09
N SER D 321 15.14 12.57 -31.44
CA SER D 321 15.99 11.44 -31.87
C SER D 321 15.16 10.19 -31.85
N LEU D 322 15.66 9.14 -32.51
CA LEU D 322 15.09 7.81 -32.36
C LEU D 322 16.03 6.98 -31.50
N VAL D 323 15.62 6.67 -30.27
CA VAL D 323 16.40 5.68 -29.52
C VAL D 323 16.02 4.29 -29.99
N LYS D 324 16.96 3.66 -30.70
CA LYS D 324 16.75 2.37 -31.30
C LYS D 324 16.87 1.32 -30.21
N ARG D 325 15.76 0.77 -29.79
CA ARG D 325 15.76 -0.19 -28.70
C ARG D 325 15.41 -1.59 -29.22
N LYS D 326 14.69 -2.37 -28.43
CA LYS D 326 14.49 -3.79 -28.75
C LYS D 326 13.03 -4.23 -28.91
N THR D 327 12.19 -3.35 -29.45
CA THR D 327 10.82 -3.74 -29.83
C THR D 327 10.58 -3.62 -31.34
N THR D 328 11.68 -3.64 -32.10
CA THR D 328 11.63 -3.54 -33.57
C THR D 328 12.50 -4.62 -34.29
N LYS E 1 2.42 50.60 -18.18
CA LYS E 1 1.17 51.20 -17.61
C LYS E 1 0.05 50.15 -17.47
N PRO E 2 -0.19 49.65 -16.24
CA PRO E 2 -1.34 48.78 -15.92
C PRO E 2 -2.50 49.57 -15.32
N VAL E 3 -3.69 48.97 -15.25
CA VAL E 3 -4.90 49.69 -14.81
C VAL E 3 -5.14 49.72 -13.28
N THR E 4 -5.03 50.91 -12.71
CA THR E 4 -5.17 51.15 -11.28
C THR E 4 -6.62 51.09 -10.80
N LEU E 5 -6.81 51.09 -9.48
CA LEU E 5 -8.13 51.20 -8.86
C LEU E 5 -8.66 52.60 -9.10
N TYR E 6 -7.74 53.56 -9.14
CA TYR E 6 -8.04 54.97 -9.40
C TYR E 6 -8.61 55.20 -10.80
N ASP E 7 -8.12 54.44 -11.78
CA ASP E 7 -8.59 54.54 -13.15
C ASP E 7 -10.07 54.22 -13.28
N VAL E 8 -10.52 53.16 -12.61
CA VAL E 8 -11.95 52.80 -12.55
C VAL E 8 -12.73 53.91 -11.85
N ALA E 9 -12.06 54.64 -10.96
CA ALA E 9 -12.69 55.76 -10.24
C ALA E 9 -13.02 56.95 -11.16
N GLU E 10 -12.06 57.35 -12.01
CA GLU E 10 -12.29 58.47 -12.92
C GLU E 10 -13.29 58.14 -14.04
N TYR E 11 -13.12 56.97 -14.66
CA TYR E 11 -14.01 56.52 -15.73
C TYR E 11 -15.46 56.32 -15.26
N ALA E 12 -15.63 55.91 -14.01
CA ALA E 12 -16.97 55.62 -13.49
C ALA E 12 -17.58 56.75 -12.64
N GLY E 13 -16.77 57.78 -12.36
CA GLY E 13 -17.23 58.91 -11.55
C GLY E 13 -17.61 58.50 -10.14
N VAL E 14 -16.69 57.77 -9.49
CA VAL E 14 -16.82 57.39 -8.09
C VAL E 14 -15.42 57.47 -7.46
N SER E 15 -15.32 57.20 -6.17
CA SER E 15 -14.02 57.16 -5.51
C SER E 15 -13.34 55.82 -5.73
N TYR E 16 -12.08 55.74 -5.30
CA TYR E 16 -11.32 54.50 -5.39
C TYR E 16 -11.85 53.45 -4.43
N GLN E 17 -12.11 53.85 -3.19
CA GLN E 17 -12.59 52.93 -2.17
C GLN E 17 -13.90 52.30 -2.58
N THR E 18 -14.72 53.03 -3.32
CA THR E 18 -15.97 52.44 -3.79
C THR E 18 -15.75 51.40 -4.89
N VAL E 19 -14.62 51.48 -5.59
CA VAL E 19 -14.24 50.38 -6.49
C VAL E 19 -13.79 49.19 -5.64
N SER E 20 -12.83 49.43 -4.75
CA SER E 20 -12.40 48.43 -3.76
C SER E 20 -13.58 47.76 -3.06
N ARG E 21 -14.55 48.58 -2.66
CA ARG E 21 -15.77 48.14 -2.00
C ARG E 21 -16.51 47.12 -2.87
N VAL E 22 -16.49 47.33 -4.18
CA VAL E 22 -17.16 46.44 -5.10
C VAL E 22 -16.29 45.21 -5.44
N VAL E 23 -15.03 45.46 -5.79
CA VAL E 23 -14.09 44.38 -6.07
C VAL E 23 -14.13 43.36 -4.93
N ASN E 24 -14.23 43.86 -3.70
CA ASN E 24 -14.30 43.02 -2.51
C ASN E 24 -15.69 42.54 -2.13
N GLN E 25 -16.63 42.57 -3.08
CA GLN E 25 -18.01 42.05 -2.89
C GLN E 25 -18.66 42.52 -1.57
N ALA E 26 -18.13 43.62 -1.02
CA ALA E 26 -18.50 44.08 0.32
C ALA E 26 -19.89 44.69 0.39
N SER E 27 -20.45 44.70 1.60
CA SER E 27 -21.80 45.20 1.85
C SER E 27 -21.88 46.73 1.71
N HIS E 28 -23.02 47.22 1.23
CA HIS E 28 -23.32 48.67 1.07
C HIS E 28 -22.82 49.31 -0.24
N VAL E 29 -23.51 49.04 -1.36
CA VAL E 29 -23.22 49.72 -2.63
C VAL E 29 -24.49 50.04 -3.48
N SER E 30 -25.67 49.94 -2.86
CA SER E 30 -26.96 50.32 -3.49
C SER E 30 -27.42 49.48 -4.69
N ALA E 31 -26.56 48.56 -5.13
CA ALA E 31 -26.79 47.69 -6.30
C ALA E 31 -26.90 48.41 -7.66
N LYS E 32 -27.32 49.68 -7.65
CA LYS E 32 -27.39 50.46 -8.88
C LYS E 32 -26.11 51.26 -9.15
N THR E 33 -25.34 51.52 -8.08
CA THR E 33 -23.99 52.09 -8.21
C THR E 33 -23.01 50.98 -8.55
N ARG E 34 -23.38 49.74 -8.20
CA ARG E 34 -22.62 48.55 -8.57
C ARG E 34 -22.47 48.42 -10.08
N GLU E 35 -23.59 48.48 -10.79
CA GLU E 35 -23.60 48.45 -12.26
C GLU E 35 -22.60 49.43 -12.87
N LYS E 36 -22.53 50.63 -12.31
CA LYS E 36 -21.56 51.64 -12.76
C LYS E 36 -20.12 51.13 -12.60
N VAL E 37 -19.83 50.50 -11.46
CA VAL E 37 -18.48 49.96 -11.18
C VAL E 37 -18.26 48.65 -11.93
N GLU E 38 -19.25 47.76 -11.86
CA GLU E 38 -19.22 46.45 -12.51
C GLU E 38 -19.00 46.58 -14.03
N ALA E 39 -19.64 47.58 -14.64
CA ALA E 39 -19.48 47.84 -16.06
C ALA E 39 -18.13 48.49 -16.36
N ALA E 40 -17.65 49.33 -15.44
CA ALA E 40 -16.39 50.05 -15.65
C ALA E 40 -15.17 49.14 -15.58
N MET E 41 -15.24 48.10 -14.76
CA MET E 41 -14.13 47.18 -14.59
C MET E 41 -13.88 46.33 -15.84
N ALA E 42 -14.96 45.92 -16.50
CA ALA E 42 -14.95 45.76 -17.95
C ALA E 42 -15.03 47.10 -18.66
N GLU E 43 -14.61 47.13 -19.92
CA GLU E 43 -14.24 48.38 -20.58
C GLU E 43 -12.91 48.90 -20.06
N LEU E 44 -12.16 48.03 -19.38
CA LEU E 44 -10.84 48.39 -18.86
C LEU E 44 -10.04 47.16 -18.48
N ASN E 45 -10.65 45.99 -18.66
CA ASN E 45 -10.01 44.73 -18.27
C ASN E 45 -9.21 44.86 -16.97
N TYR E 46 -9.91 45.22 -15.89
CA TYR E 46 -9.26 45.47 -14.62
C TYR E 46 -9.04 44.16 -13.87
N ILE E 47 -7.76 43.81 -13.67
CA ILE E 47 -7.38 42.69 -12.82
C ILE E 47 -6.60 43.28 -11.64
N PRO E 48 -7.21 43.30 -10.44
CA PRO E 48 -6.62 43.99 -9.28
C PRO E 48 -5.31 43.36 -8.81
N ASN E 49 -4.32 44.21 -8.58
CA ASN E 49 -2.96 43.79 -8.24
C ASN E 49 -2.89 43.06 -6.90
N ARG E 50 -2.63 41.75 -6.95
CA ARG E 50 -2.56 40.93 -5.74
C ARG E 50 -1.32 41.20 -4.91
N VAL E 51 -0.27 41.72 -5.54
CA VAL E 51 0.92 42.17 -4.82
C VAL E 51 0.57 43.39 -3.99
N ALA E 52 -0.28 44.26 -4.53
CA ALA E 52 -0.72 45.45 -3.83
C ALA E 52 -1.64 45.12 -2.67
N GLN E 53 -2.46 44.08 -2.86
CA GLN E 53 -3.48 43.70 -1.89
C GLN E 53 -2.87 42.99 -0.71
N GLN E 54 -1.90 42.12 -0.99
CA GLN E 54 -1.23 41.37 0.06
C GLN E 54 -0.63 42.35 1.04
N LEU E 55 0.19 43.27 0.53
CA LEU E 55 0.86 44.28 1.34
C LEU E 55 -0.14 45.10 2.13
N ALA E 56 -1.20 45.51 1.44
CA ALA E 56 -2.26 46.33 2.04
C ALA E 56 -2.88 45.64 3.23
N GLY E 57 -2.75 44.32 3.25
CA GLY E 57 -3.19 43.52 4.38
C GLY E 57 -4.45 42.72 4.11
N LYS E 58 -4.66 42.38 2.84
CA LYS E 58 -5.73 41.46 2.49
C LYS E 58 -5.36 40.09 3.07
N GLN E 59 -6.32 39.50 3.76
CA GLN E 59 -6.16 38.17 4.31
C GLN E 59 -6.49 37.14 3.22
N LEU E 60 -5.53 36.90 2.35
CA LEU E 60 -5.58 35.76 1.44
C LEU E 60 -4.81 34.57 2.04
N LEU E 61 -5.19 33.36 1.67
CA LEU E 61 -4.50 32.15 2.10
C LEU E 61 -3.34 31.84 1.12
N LEU E 62 -2.11 31.93 1.59
CA LEU E 62 -0.98 31.61 0.74
C LEU E 62 -0.08 30.51 1.32
N ILE E 63 -0.18 29.32 0.72
CA ILE E 63 0.57 28.15 1.16
C ILE E 63 1.87 28.05 0.39
N GLY E 64 2.99 28.01 1.10
CA GLY E 64 4.28 27.78 0.46
C GLY E 64 4.63 26.31 0.49
N VAL E 65 5.32 25.83 -0.56
CA VAL E 65 5.76 24.45 -0.62
C VAL E 65 7.26 24.38 -0.95
N ALA E 66 8.01 23.70 -0.09
CA ALA E 66 9.39 23.33 -0.39
C ALA E 66 9.38 21.88 -0.83
N THR E 67 9.67 21.61 -2.10
CA THR E 67 9.50 20.26 -2.61
C THR E 67 10.74 19.66 -3.28
N SER E 68 10.92 18.35 -3.13
CA SER E 68 11.90 17.62 -3.94
C SER E 68 11.57 17.80 -5.42
N SER E 69 12.53 17.52 -6.30
CA SER E 69 12.38 17.78 -7.72
C SER E 69 11.13 17.18 -8.32
N LEU E 70 10.40 18.03 -9.05
CA LEU E 70 9.14 17.64 -9.65
C LEU E 70 9.30 16.62 -10.79
N ALA E 71 10.54 16.39 -11.20
CA ALA E 71 10.85 15.36 -12.19
C ALA E 71 10.49 13.99 -11.66
N LEU E 72 10.83 13.70 -10.40
CA LEU E 72 10.40 12.45 -9.75
C LEU E 72 8.88 12.31 -9.75
N HIS E 73 8.41 11.07 -9.63
CA HIS E 73 6.99 10.77 -9.74
C HIS E 73 6.17 11.33 -8.58
N ALA E 74 6.44 10.85 -7.38
CA ALA E 74 5.60 11.16 -6.22
C ALA E 74 5.58 12.64 -5.78
N PRO E 75 6.75 13.30 -5.76
CA PRO E 75 6.67 14.68 -5.33
C PRO E 75 5.77 15.48 -6.28
N SER E 76 5.69 15.03 -7.54
CA SER E 76 4.89 15.67 -8.59
C SER E 76 3.39 15.51 -8.38
N GLN E 77 2.91 14.29 -8.16
CA GLN E 77 1.49 14.08 -7.88
C GLN E 77 1.04 14.81 -6.61
N ILE E 78 1.93 14.90 -5.63
CA ILE E 78 1.61 15.58 -4.39
C ILE E 78 1.37 17.09 -4.64
N VAL E 79 2.35 17.76 -5.27
CA VAL E 79 2.20 19.18 -5.65
C VAL E 79 0.90 19.43 -6.40
N ALA E 80 0.59 18.54 -7.35
CA ALA E 80 -0.65 18.64 -8.12
C ALA E 80 -1.87 18.62 -7.24
N ALA E 81 -1.91 17.73 -6.25
CA ALA E 81 -3.07 17.65 -5.35
C ALA E 81 -3.07 18.79 -4.39
N ILE E 82 -1.87 19.18 -3.93
CA ILE E 82 -1.72 20.34 -3.10
C ILE E 82 -2.31 21.51 -3.86
N LYS E 83 -1.78 21.75 -5.06
CA LYS E 83 -2.24 22.82 -5.95
C LYS E 83 -3.76 22.77 -6.17
N SER E 84 -4.25 21.57 -6.48
CA SER E 84 -5.67 21.40 -6.72
C SER E 84 -6.50 21.75 -5.50
N ARG E 85 -6.10 21.30 -4.31
CA ARG E 85 -6.97 21.55 -3.16
C ARG E 85 -6.90 22.99 -2.70
N ALA E 86 -5.85 23.69 -3.10
CA ALA E 86 -5.77 25.12 -2.86
C ALA E 86 -6.94 25.83 -3.55
N ASP E 87 -6.97 25.77 -4.90
CA ASP E 87 -8.05 26.41 -5.67
C ASP E 87 -9.41 26.01 -5.18
N GLN E 88 -9.56 24.73 -4.86
CA GLN E 88 -10.79 24.23 -4.32
C GLN E 88 -11.30 25.07 -3.15
N LEU E 89 -10.39 25.64 -2.36
CA LEU E 89 -10.84 26.50 -1.27
C LEU E 89 -10.21 27.91 -1.21
N GLY E 90 -9.85 28.43 -2.38
CA GLY E 90 -9.48 29.82 -2.53
C GLY E 90 -8.08 30.16 -2.06
N ALA E 91 -7.24 29.15 -1.92
CA ALA E 91 -5.86 29.39 -1.54
C ALA E 91 -5.01 29.48 -2.78
N SER E 92 -3.86 30.13 -2.67
CA SER E 92 -2.90 30.11 -3.76
C SER E 92 -1.64 29.47 -3.23
N VAL E 93 -0.79 28.97 -4.13
CA VAL E 93 0.36 28.17 -3.74
C VAL E 93 1.60 28.56 -4.53
N VAL E 94 2.59 29.13 -3.86
CA VAL E 94 3.90 29.31 -4.49
C VAL E 94 4.84 28.21 -3.99
N VAL E 95 5.57 27.58 -4.91
CA VAL E 95 6.33 26.39 -4.57
C VAL E 95 7.79 26.50 -4.99
N SER E 96 8.69 26.54 -4.01
CA SER E 96 10.11 26.52 -4.30
C SER E 96 10.64 25.11 -4.26
N MET E 97 11.22 24.70 -5.38
CA MET E 97 11.65 23.33 -5.61
C MET E 97 13.10 23.19 -5.16
N VAL E 98 13.37 22.39 -4.14
CA VAL E 98 14.74 22.18 -3.70
C VAL E 98 15.42 21.23 -4.66
N GLU E 99 16.49 21.68 -5.29
CA GLU E 99 17.14 20.85 -6.31
C GLU E 99 18.48 20.31 -5.86
N ARG E 100 19.31 21.18 -5.27
CA ARG E 100 20.59 20.81 -4.66
C ARG E 100 20.36 19.96 -3.40
N SER E 101 21.41 19.27 -2.96
CA SER E 101 21.36 18.33 -1.84
C SER E 101 21.52 18.99 -0.45
N GLY E 102 20.88 18.39 0.56
CA GLY E 102 21.17 18.71 1.97
C GLY E 102 20.34 19.78 2.64
N VAL E 103 20.60 19.97 3.93
CA VAL E 103 19.82 20.84 4.82
C VAL E 103 19.85 22.31 4.46
N GLU E 104 21.01 22.78 3.97
CA GLU E 104 21.17 24.19 3.68
C GLU E 104 20.40 24.62 2.44
N ALA E 105 20.34 23.71 1.46
CA ALA E 105 19.59 23.94 0.22
C ALA E 105 18.10 24.12 0.50
N CYS E 106 17.59 23.24 1.36
CA CYS E 106 16.19 23.22 1.74
C CYS E 106 15.86 24.43 2.59
N LYS E 107 16.83 24.91 3.35
CA LYS E 107 16.61 26.07 4.22
C LYS E 107 16.36 27.32 3.39
N ALA E 108 17.10 27.47 2.29
CA ALA E 108 16.95 28.61 1.36
C ALA E 108 15.58 28.62 0.68
N ALA E 109 15.11 27.44 0.29
CA ALA E 109 13.76 27.28 -0.24
C ALA E 109 12.71 27.68 0.80
N VAL E 110 13.01 27.43 2.08
CA VAL E 110 12.19 27.91 3.18
C VAL E 110 12.40 29.41 3.36
N HIS E 111 13.61 29.88 3.06
CA HIS E 111 13.91 31.29 3.25
C HIS E 111 13.11 32.16 2.29
N ASN E 112 13.21 31.91 0.99
CA ASN E 112 12.48 32.74 0.03
C ASN E 112 11.01 32.36 -0.18
N LEU E 113 10.54 31.33 0.50
CA LEU E 113 9.11 31.13 0.65
C LEU E 113 8.62 32.12 1.70
N LEU E 114 9.41 32.24 2.77
CA LEU E 114 9.13 33.22 3.81
C LEU E 114 9.20 34.65 3.30
N ALA E 115 10.07 34.89 2.30
CA ALA E 115 10.16 36.19 1.65
C ALA E 115 8.77 36.63 1.18
N GLN E 116 8.11 35.77 0.40
CA GLN E 116 6.80 36.12 -0.15
C GLN E 116 5.64 36.12 0.85
N ARG E 117 5.97 36.01 2.14
CA ARG E 117 5.00 36.17 3.24
C ARG E 117 3.86 35.15 3.22
N VAL E 118 4.24 33.88 3.20
CA VAL E 118 3.28 32.77 3.18
C VAL E 118 2.59 32.58 4.53
N SER E 119 1.36 32.07 4.48
CA SER E 119 0.57 31.75 5.67
C SER E 119 1.03 30.47 6.39
N GLY E 120 1.95 29.74 5.77
CA GLY E 120 2.43 28.45 6.28
C GLY E 120 3.17 27.66 5.21
N LEU E 121 4.04 26.74 5.64
CA LEU E 121 4.87 25.99 4.70
C LEU E 121 4.62 24.48 4.70
N ILE E 122 4.37 23.93 3.51
CA ILE E 122 4.43 22.48 3.35
C ILE E 122 5.84 22.12 2.90
N ILE E 123 6.51 21.31 3.71
CA ILE E 123 7.87 20.90 3.40
C ILE E 123 7.92 19.44 2.96
N ASN E 124 7.82 19.22 1.65
CA ASN E 124 8.09 17.90 1.10
C ASN E 124 9.53 17.77 0.59
N TYR E 125 10.44 17.79 1.57
CA TYR E 125 11.85 17.52 1.36
C TYR E 125 12.27 16.52 2.44
N PRO E 126 13.21 15.58 2.13
CA PRO E 126 13.68 14.61 3.11
C PRO E 126 14.63 15.23 4.12
N LEU E 127 14.22 15.24 5.39
CA LEU E 127 14.96 15.87 6.48
C LEU E 127 15.10 14.94 7.70
N ASP E 128 16.32 14.74 8.19
CA ASP E 128 16.53 13.95 9.41
C ASP E 128 15.95 14.70 10.62
N ASP E 129 15.64 13.98 11.71
CA ASP E 129 14.96 14.56 12.89
C ASP E 129 15.46 15.95 13.27
N GLN E 130 16.77 16.10 13.45
CA GLN E 130 17.32 17.36 13.92
C GLN E 130 17.25 18.49 12.90
N ASP E 131 17.48 18.15 11.63
CA ASP E 131 17.40 19.14 10.57
C ASP E 131 15.96 19.55 10.33
N ALA E 132 15.06 18.58 10.38
CA ALA E 132 13.65 18.89 10.37
C ALA E 132 13.32 19.97 11.41
N ILE E 133 13.85 19.81 12.62
CA ILE E 133 13.57 20.75 13.72
C ILE E 133 14.23 22.10 13.46
N ALA E 134 15.39 22.03 12.82
CA ALA E 134 16.14 23.21 12.42
C ALA E 134 15.30 24.06 11.47
N VAL E 135 14.67 23.39 10.51
CA VAL E 135 13.90 24.05 9.46
C VAL E 135 12.59 24.60 10.00
N GLU E 136 11.93 23.85 10.88
CA GLU E 136 10.65 24.25 11.44
C GLU E 136 10.83 25.44 12.33
N ALA E 137 12.03 25.57 12.89
CA ALA E 137 12.45 26.75 13.65
C ALA E 137 12.47 27.97 12.76
N ALA E 138 13.08 27.84 11.58
CA ALA E 138 13.19 28.92 10.60
C ALA E 138 11.84 29.49 10.12
N CYS E 139 10.77 28.71 10.24
CA CYS E 139 9.42 29.16 9.83
C CYS E 139 8.79 30.06 10.87
N THR E 140 9.33 31.27 10.96
CA THR E 140 9.07 32.20 12.05
C THR E 140 7.61 32.68 12.16
N ASN E 141 6.90 32.21 13.20
CA ASN E 141 5.46 32.51 13.40
C ASN E 141 4.49 31.65 12.59
N VAL E 142 4.91 31.25 11.38
CA VAL E 142 4.11 30.43 10.47
C VAL E 142 4.24 28.94 10.75
N PRO E 143 3.10 28.21 10.79
CA PRO E 143 3.06 26.76 10.97
C PRO E 143 3.67 26.01 9.79
N ALA E 144 4.41 24.93 10.04
CA ALA E 144 5.03 24.19 8.94
C ALA E 144 4.63 22.71 8.94
N LEU E 145 4.29 22.17 7.77
CA LEU E 145 3.90 20.77 7.64
C LEU E 145 4.95 19.94 6.90
N PHE E 146 5.35 18.82 7.52
CA PHE E 146 6.44 17.97 7.01
C PHE E 146 5.92 16.68 6.41
N LEU E 147 6.38 16.38 5.21
CA LEU E 147 5.86 15.22 4.49
C LEU E 147 6.89 14.16 4.18
N ASP E 148 8.17 14.42 4.49
CA ASP E 148 9.20 13.46 4.19
C ASP E 148 10.14 13.29 5.39
N VAL E 149 9.54 13.13 6.56
CA VAL E 149 10.29 12.87 7.78
C VAL E 149 9.79 11.58 8.43
N SER E 150 10.39 11.20 9.54
CA SER E 150 9.91 10.05 10.29
C SER E 150 8.73 10.41 11.18
N ASP E 151 7.95 9.38 11.50
CA ASP E 151 6.93 9.49 12.53
C ASP E 151 7.55 9.80 13.91
N GLN E 152 8.80 9.42 14.10
CA GLN E 152 9.50 9.68 15.37
C GLN E 152 9.95 11.13 15.48
N THR E 153 10.14 11.80 14.34
CA THR E 153 10.53 13.21 14.32
C THR E 153 9.44 14.05 14.97
N PRO E 154 9.80 14.76 16.06
CA PRO E 154 8.85 15.40 16.94
C PRO E 154 8.32 16.73 16.44
N ILE E 155 7.92 16.78 15.17
CA ILE E 155 7.14 17.91 14.63
C ILE E 155 5.82 17.43 14.04
N ASN E 156 5.18 18.29 13.24
CA ASN E 156 3.96 17.89 12.56
C ASN E 156 4.23 17.44 11.14
N SER E 157 3.51 16.40 10.74
CA SER E 157 3.87 15.69 9.55
C SER E 157 2.73 14.80 9.13
N ILE E 158 2.62 14.56 7.83
CA ILE E 158 1.78 13.50 7.28
C ILE E 158 2.70 12.54 6.55
N ILE E 159 2.57 11.27 6.85
CA ILE E 159 3.25 10.22 6.11
C ILE E 159 2.32 9.03 5.93
N PHE E 160 2.43 8.35 4.80
CA PHE E 160 1.75 7.08 4.68
C PHE E 160 2.38 6.15 5.70
N SER E 161 1.53 5.30 6.27
CA SER E 161 1.97 4.32 7.25
C SER E 161 2.87 3.31 6.56
N HIS E 162 4.17 3.53 6.67
CA HIS E 162 5.14 2.63 6.04
C HIS E 162 5.17 1.34 6.83
N GLU E 163 4.80 1.44 8.10
CA GLU E 163 4.65 0.24 8.90
C GLU E 163 3.62 -0.67 8.25
N ASP E 164 2.42 -0.16 8.02
CA ASP E 164 1.39 -0.94 7.34
C ASP E 164 1.84 -1.39 5.95
N GLY E 165 2.43 -0.50 5.16
CA GLY E 165 2.85 -0.86 3.80
C GLY E 165 3.70 -2.11 3.75
N THR E 166 4.71 -2.15 4.62
CA THR E 166 5.68 -3.21 4.67
C THR E 166 5.09 -4.46 5.29
N ARG E 167 4.24 -4.28 6.29
CA ARG E 167 3.53 -5.39 6.90
C ARG E 167 2.78 -6.19 5.81
N LEU E 168 2.00 -5.47 5.00
CA LEU E 168 1.27 -6.09 3.89
C LEU E 168 2.18 -6.83 2.92
N GLY E 169 3.26 -6.18 2.51
CA GLY E 169 4.23 -6.79 1.61
C GLY E 169 4.86 -8.03 2.22
N VAL E 170 5.22 -7.94 3.51
CA VAL E 170 5.86 -9.05 4.20
C VAL E 170 4.86 -10.16 4.45
N GLU E 171 3.78 -9.85 5.14
CA GLU E 171 2.78 -10.87 5.45
C GLU E 171 2.20 -11.58 4.22
N HIS E 172 2.29 -10.95 3.06
CA HIS E 172 1.84 -11.53 1.80
C HIS E 172 2.85 -12.57 1.37
N LEU E 173 4.04 -12.11 0.98
CA LEU E 173 5.14 -13.01 0.64
C LEU E 173 5.24 -14.20 1.60
N VAL E 174 5.15 -13.92 2.90
CA VAL E 174 5.25 -14.92 3.96
C VAL E 174 4.11 -15.93 3.90
N ALA E 175 2.87 -15.43 3.81
CA ALA E 175 1.71 -16.30 3.67
C ALA E 175 1.81 -17.10 2.38
N LEU E 176 2.34 -16.48 1.33
CA LEU E 176 2.51 -17.18 0.07
C LEU E 176 3.44 -18.36 0.15
N GLY E 177 4.30 -18.40 1.16
CA GLY E 177 5.23 -19.51 1.35
C GLY E 177 6.69 -19.14 1.19
N HIS E 178 6.96 -17.90 0.78
CA HIS E 178 8.32 -17.43 0.54
C HIS E 178 9.22 -17.44 1.80
N GLN E 179 10.51 -17.72 1.63
CA GLN E 179 11.51 -17.60 2.72
C GLN E 179 12.82 -17.00 2.25
N GLN E 180 13.23 -17.33 1.03
CA GLN E 180 14.36 -16.64 0.45
C GLN E 180 13.80 -15.34 -0.17
N ILE E 181 13.98 -14.22 0.54
CA ILE E 181 13.42 -12.94 0.09
C ILE E 181 14.57 -11.95 -0.05
N ALA E 182 14.52 -11.08 -1.05
CA ALA E 182 15.51 -10.01 -1.16
C ALA E 182 14.85 -8.63 -1.07
N LEU E 183 15.59 -7.64 -0.61
CA LEU E 183 15.05 -6.30 -0.48
C LEU E 183 15.75 -5.34 -1.41
N LEU E 184 14.96 -4.54 -2.13
CA LEU E 184 15.52 -3.48 -2.94
C LEU E 184 15.05 -2.13 -2.41
N ALA E 185 15.89 -1.52 -1.59
CA ALA E 185 15.57 -0.27 -0.90
C ALA E 185 15.65 0.91 -1.84
N GLY E 186 15.02 2.01 -1.45
CA GLY E 186 15.18 3.28 -2.17
C GLY E 186 16.56 3.85 -1.88
N PRO E 187 16.85 5.05 -2.39
CA PRO E 187 18.13 5.67 -2.02
C PRO E 187 18.14 6.07 -0.55
N LEU E 188 19.17 5.63 0.18
CA LEU E 188 19.26 5.82 1.62
C LEU E 188 19.21 7.29 2.07
N SER E 189 19.53 8.21 1.17
CA SER E 189 19.40 9.63 1.44
C SER E 189 17.96 10.07 1.74
N SER E 190 16.98 9.36 1.21
CA SER E 190 15.58 9.66 1.48
C SER E 190 15.15 9.05 2.78
N VAL E 191 14.36 9.78 3.56
CA VAL E 191 13.77 9.27 4.79
C VAL E 191 12.81 8.14 4.46
N SER E 192 11.84 8.41 3.59
CA SER E 192 10.80 7.44 3.26
C SER E 192 11.40 6.16 2.71
N ALA E 193 12.50 6.31 1.98
CA ALA E 193 13.26 5.15 1.51
C ALA E 193 13.67 4.26 2.67
N ARG E 194 14.21 4.91 3.71
CA ARG E 194 14.76 4.26 4.90
C ARG E 194 13.67 3.60 5.72
N LEU E 195 12.54 4.29 5.83
CA LEU E 195 11.42 3.82 6.66
C LEU E 195 10.87 2.50 6.13
N ARG E 196 10.70 2.43 4.81
CA ARG E 196 10.21 1.24 4.17
C ARG E 196 11.18 0.09 4.37
N LEU E 197 12.48 0.38 4.28
CA LEU E 197 13.51 -0.61 4.52
C LEU E 197 13.37 -1.08 5.97
N ALA E 198 13.36 -0.12 6.89
CA ALA E 198 13.16 -0.42 8.31
C ALA E 198 11.96 -1.32 8.49
N GLY E 199 10.86 -0.93 7.86
CA GLY E 199 9.60 -1.64 8.02
C GLY E 199 9.71 -3.10 7.64
N TRP E 200 10.20 -3.34 6.43
CA TRP E 200 10.41 -4.69 5.93
C TRP E 200 11.16 -5.50 6.97
N HIS E 201 12.29 -4.96 7.44
CA HIS E 201 13.07 -5.62 8.48
C HIS E 201 12.26 -5.99 9.73
N LYS E 202 11.57 -5.04 10.33
CA LYS E 202 10.72 -5.36 11.46
C LYS E 202 9.87 -6.60 11.19
N TYR E 203 9.13 -6.62 10.09
CA TYR E 203 8.14 -7.68 9.89
C TYR E 203 8.74 -8.97 9.40
N LEU E 204 9.88 -8.87 8.71
CA LEU E 204 10.66 -10.07 8.39
C LEU E 204 11.18 -10.70 9.68
N THR E 205 11.86 -9.90 10.51
CA THR E 205 12.33 -10.33 11.81
C THR E 205 11.18 -10.93 12.63
N ARG E 206 10.04 -10.25 12.67
CA ARG E 206 8.88 -10.78 13.38
C ARG E 206 8.38 -12.12 12.78
N ASN E 207 8.84 -12.45 11.58
CA ASN E 207 8.47 -13.73 10.96
C ASN E 207 9.62 -14.75 10.94
N GLN E 208 10.65 -14.50 11.74
CA GLN E 208 11.90 -15.27 11.70
C GLN E 208 12.48 -15.44 10.29
N ILE E 209 12.58 -14.34 9.55
CA ILE E 209 13.19 -14.34 8.22
C ILE E 209 14.30 -13.27 8.08
N GLN E 210 15.40 -13.63 7.44
CA GLN E 210 16.45 -12.68 7.08
C GLN E 210 16.58 -12.57 5.56
N PRO E 211 16.51 -11.35 5.00
CA PRO E 211 16.67 -11.24 3.56
C PRO E 211 18.03 -11.76 3.10
N ILE E 212 18.07 -12.56 2.04
CA ILE E 212 19.36 -13.02 1.55
C ILE E 212 20.20 -11.88 0.98
N ALA E 213 19.59 -11.01 0.19
CA ALA E 213 20.32 -9.83 -0.28
C ALA E 213 19.60 -8.59 0.19
N GLU E 214 20.27 -7.45 0.09
CA GLU E 214 19.68 -6.16 0.37
C GLU E 214 20.50 -5.15 -0.36
N ARG E 215 19.91 -4.47 -1.34
CA ARG E 215 20.62 -3.38 -1.98
C ARG E 215 19.76 -2.16 -2.27
N GLU E 216 20.44 -1.12 -2.73
CA GLU E 216 19.94 0.23 -2.77
C GLU E 216 19.83 0.72 -4.21
N GLY E 217 18.76 1.45 -4.52
CA GLY E 217 18.58 2.08 -5.83
C GLY E 217 18.52 3.59 -5.70
N ASP E 218 18.04 4.28 -6.74
CA ASP E 218 17.77 5.73 -6.64
C ASP E 218 16.34 6.09 -7.00
N TRP E 219 15.46 5.08 -6.94
CA TRP E 219 14.04 5.18 -7.25
C TRP E 219 13.81 4.81 -8.70
N SER E 220 14.83 5.01 -9.52
CA SER E 220 14.76 4.86 -10.97
C SER E 220 14.63 3.42 -11.44
N ALA E 221 13.82 3.24 -12.49
CA ALA E 221 13.64 1.95 -13.14
C ALA E 221 14.97 1.30 -13.55
N MET E 222 15.89 2.13 -14.03
CA MET E 222 17.19 1.63 -14.44
C MET E 222 17.94 1.02 -13.27
N SER E 223 17.98 1.71 -12.14
CA SER E 223 18.70 1.18 -10.98
C SER E 223 18.15 -0.18 -10.61
N GLY E 224 16.85 -0.26 -10.33
CA GLY E 224 16.19 -1.54 -10.04
C GLY E 224 16.54 -2.66 -11.00
N PHE E 225 16.88 -2.32 -12.23
CA PHE E 225 17.34 -3.32 -13.18
C PHE E 225 18.78 -3.66 -12.92
N GLN E 226 19.63 -2.63 -12.86
CA GLN E 226 21.05 -2.77 -12.53
C GLN E 226 21.24 -3.53 -11.21
N GLN E 227 20.44 -3.18 -10.21
CA GLN E 227 20.58 -3.77 -8.88
C GLN E 227 20.15 -5.21 -8.85
N THR E 228 19.13 -5.57 -9.62
CA THR E 228 18.68 -6.94 -9.60
C THR E 228 19.52 -7.79 -10.54
N MET E 229 20.41 -7.16 -11.30
CA MET E 229 21.39 -7.91 -12.08
C MET E 229 22.65 -8.15 -11.25
N GLN E 230 23.21 -7.07 -10.67
CA GLN E 230 24.34 -7.19 -9.72
C GLN E 230 24.08 -8.31 -8.71
N MET E 231 22.83 -8.45 -8.29
CA MET E 231 22.41 -9.53 -7.40
C MET E 231 22.43 -10.86 -8.13
N LEU E 232 21.39 -11.14 -8.92
CA LEU E 232 21.28 -12.40 -9.65
C LEU E 232 22.60 -12.93 -10.23
N ASN E 233 23.47 -12.02 -10.67
CA ASN E 233 24.74 -12.41 -11.27
C ASN E 233 25.72 -12.97 -10.25
N GLU E 234 25.75 -12.38 -9.06
CA GLU E 234 26.50 -12.96 -7.95
C GLU E 234 26.00 -14.36 -7.59
N GLY E 235 24.77 -14.68 -7.99
CA GLY E 235 24.26 -16.03 -7.83
C GLY E 235 23.22 -16.14 -6.71
N ILE E 236 23.14 -15.08 -5.90
CA ILE E 236 22.05 -14.95 -4.92
C ILE E 236 20.72 -14.83 -5.65
N VAL E 237 19.87 -15.84 -5.58
CA VAL E 237 18.58 -15.78 -6.29
C VAL E 237 17.34 -16.09 -5.43
N PRO E 238 16.61 -15.04 -5.01
CA PRO E 238 15.53 -15.19 -4.04
C PRO E 238 14.29 -15.73 -4.72
N THR E 239 13.36 -16.27 -3.96
CA THR E 239 12.11 -16.67 -4.57
C THR E 239 11.15 -15.48 -4.67
N ALA E 240 11.43 -14.41 -3.92
CA ALA E 240 10.61 -13.16 -3.94
C ALA E 240 11.46 -11.91 -3.70
N MET E 241 10.93 -10.75 -4.03
CA MET E 241 11.63 -9.49 -3.75
C MET E 241 10.69 -8.43 -3.24
N LEU E 242 11.14 -7.65 -2.26
CA LEU E 242 10.43 -6.45 -1.85
C LEU E 242 11.12 -5.23 -2.41
N VAL E 243 10.43 -4.52 -3.30
CA VAL E 243 10.99 -3.32 -3.91
C VAL E 243 10.32 -2.07 -3.36
N ALA E 244 11.05 -0.96 -3.36
CA ALA E 244 10.64 0.21 -2.63
C ALA E 244 9.78 1.19 -3.43
N ASN E 245 9.58 0.89 -4.70
CA ASN E 245 8.65 1.60 -5.57
C ASN E 245 8.44 0.89 -6.90
N ASP E 246 7.32 1.21 -7.56
CA ASP E 246 6.93 0.51 -8.78
C ASP E 246 7.94 0.64 -9.90
N GLN E 247 8.61 1.78 -10.00
CA GLN E 247 9.57 1.97 -11.09
C GLN E 247 10.78 1.04 -10.96
N MET E 248 11.35 0.92 -9.76
CA MET E 248 12.45 -0.02 -9.54
C MET E 248 11.94 -1.47 -9.63
N ALA E 249 10.72 -1.69 -9.15
CA ALA E 249 10.10 -3.01 -9.29
C ALA E 249 10.13 -3.40 -10.75
N LEU E 250 9.78 -2.43 -11.60
CA LEU E 250 9.81 -2.60 -13.06
C LEU E 250 11.21 -3.07 -13.45
N GLY E 251 12.23 -2.35 -13.01
CA GLY E 251 13.61 -2.73 -13.31
C GLY E 251 13.91 -4.16 -12.94
N ALA E 252 13.63 -4.52 -11.69
CA ALA E 252 13.84 -5.87 -11.22
C ALA E 252 13.17 -6.87 -12.15
N MET E 253 11.87 -6.69 -12.40
CA MET E 253 11.14 -7.57 -13.31
C MET E 253 11.90 -7.76 -14.61
N ARG E 254 12.33 -6.66 -15.24
CA ARG E 254 13.09 -6.72 -16.49
C ARG E 254 14.30 -7.60 -16.30
N ALA E 255 15.08 -7.34 -15.25
CA ALA E 255 16.28 -8.13 -14.95
C ALA E 255 15.94 -9.60 -14.70
N ILE E 256 14.97 -9.85 -13.83
CA ILE E 256 14.46 -11.19 -13.60
C ILE E 256 14.09 -11.87 -14.91
N THR E 257 13.47 -11.11 -15.82
CA THR E 257 13.02 -11.64 -17.12
C THR E 257 14.20 -11.92 -18.04
N GLU E 258 15.01 -10.92 -18.33
CA GLU E 258 16.15 -11.08 -19.23
C GLU E 258 17.12 -12.17 -18.72
N SER E 259 17.04 -12.46 -17.43
CA SER E 259 17.88 -13.46 -16.79
C SER E 259 17.40 -14.89 -17.05
N GLY E 260 16.21 -15.02 -17.62
CA GLY E 260 15.81 -16.33 -18.10
C GLY E 260 14.77 -17.03 -17.25
N LEU E 261 14.38 -16.40 -16.14
CA LEU E 261 13.27 -16.94 -15.33
C LEU E 261 12.06 -16.03 -15.30
N ARG E 262 10.94 -16.58 -14.83
CA ARG E 262 9.66 -15.90 -14.93
C ARG E 262 9.20 -15.20 -13.65
N VAL E 263 8.71 -13.97 -13.82
CA VAL E 263 8.22 -13.16 -12.72
C VAL E 263 6.96 -13.82 -12.16
N GLY E 264 6.81 -13.79 -10.85
CA GLY E 264 5.67 -14.44 -10.22
C GLY E 264 6.00 -15.87 -9.83
N ALA E 265 6.06 -16.76 -10.83
CA ALA E 265 6.43 -18.14 -10.57
C ALA E 265 7.81 -18.26 -9.94
N ASP E 266 8.85 -17.90 -10.69
CA ASP E 266 10.23 -18.16 -10.26
C ASP E 266 10.77 -17.12 -9.30
N ILE E 267 10.39 -15.87 -9.48
CA ILE E 267 10.69 -14.82 -8.52
C ILE E 267 9.50 -13.91 -8.46
N SER E 268 8.82 -13.86 -7.33
CA SER E 268 7.77 -12.89 -7.16
C SER E 268 8.38 -11.50 -6.89
N VAL E 269 7.63 -10.45 -7.23
CA VAL E 269 8.03 -9.07 -6.93
C VAL E 269 6.86 -8.29 -6.35
N VAL E 270 7.09 -7.60 -5.22
CA VAL E 270 6.12 -6.65 -4.70
C VAL E 270 6.68 -5.24 -4.89
N GLY E 271 5.90 -4.41 -5.57
CA GLY E 271 6.29 -3.03 -5.83
C GLY E 271 5.82 -2.14 -4.71
N TYR E 272 5.95 -0.83 -4.89
CA TYR E 272 5.46 0.12 -3.91
C TYR E 272 5.05 1.43 -4.59
N ASP E 273 3.80 1.85 -4.38
CA ASP E 273 3.17 3.09 -4.93
C ASP E 273 1.76 2.88 -5.49
N ASP E 274 1.60 1.82 -6.29
CA ASP E 274 0.47 1.65 -7.21
C ASP E 274 0.34 2.86 -8.12
N THR E 275 1.24 2.95 -9.10
CA THR E 275 1.15 3.98 -10.12
C THR E 275 0.13 3.61 -11.20
N GLU E 276 -0.33 4.63 -11.93
CA GLU E 276 -1.02 4.42 -13.19
C GLU E 276 -0.35 3.29 -13.96
N ASP E 277 0.90 3.49 -14.38
CA ASP E 277 1.60 2.56 -15.26
C ASP E 277 1.78 1.17 -14.70
N SER E 278 1.51 0.98 -13.41
CA SER E 278 1.82 -0.30 -12.80
C SER E 278 0.78 -1.38 -13.14
N SER E 279 -0.37 -0.98 -13.64
CA SER E 279 -1.40 -1.95 -13.96
C SER E 279 -1.15 -2.57 -15.33
N CYS E 280 -0.15 -2.03 -16.03
CA CYS E 280 0.17 -2.51 -17.38
C CYS E 280 1.61 -2.99 -17.54
N TYR E 281 2.21 -3.41 -16.43
CA TYR E 281 3.53 -4.04 -16.45
C TYR E 281 3.34 -5.48 -16.87
N ILE E 282 4.43 -6.14 -17.28
CA ILE E 282 4.32 -7.51 -17.79
C ILE E 282 5.06 -8.52 -16.92
N PRO E 283 4.33 -9.26 -16.06
CA PRO E 283 2.89 -9.19 -15.81
C PRO E 283 2.56 -8.02 -14.90
N PRO E 284 1.27 -7.66 -14.77
CA PRO E 284 0.85 -6.52 -13.97
C PRO E 284 1.22 -6.60 -12.49
N LEU E 285 2.02 -5.62 -12.06
CA LEU E 285 2.70 -5.60 -10.76
C LEU E 285 1.80 -5.55 -9.54
N THR E 286 2.07 -6.44 -8.57
CA THR E 286 1.44 -6.37 -7.24
C THR E 286 2.13 -5.26 -6.47
N THR E 287 1.36 -4.38 -5.84
CA THR E 287 1.98 -3.24 -5.15
C THR E 287 1.27 -2.75 -3.90
N ILE E 288 1.89 -1.77 -3.23
CA ILE E 288 1.29 -1.13 -2.07
C ILE E 288 0.77 0.25 -2.48
N LYS E 289 -0.52 0.50 -2.26
CA LYS E 289 -1.16 1.68 -2.85
C LYS E 289 -1.03 2.94 -2.00
N GLN E 290 -0.39 3.98 -2.55
CA GLN E 290 -0.31 5.27 -1.88
C GLN E 290 -1.06 6.37 -2.63
N ASP E 291 -2.16 6.81 -2.04
CA ASP E 291 -3.07 7.79 -2.65
C ASP E 291 -2.54 9.22 -2.56
N PHE E 292 -1.60 9.57 -3.45
CA PHE E 292 -0.99 10.91 -3.43
C PHE E 292 -1.97 12.07 -3.47
N ARG E 293 -3.13 11.87 -4.07
CA ARG E 293 -4.17 12.88 -4.06
C ARG E 293 -4.51 13.13 -2.60
N LEU E 294 -4.93 12.07 -1.90
CA LEU E 294 -5.31 12.13 -0.49
C LEU E 294 -4.26 12.80 0.37
N LEU E 295 -2.99 12.51 0.09
CA LEU E 295 -1.91 13.09 0.83
C LEU E 295 -1.88 14.60 0.62
N GLY E 296 -1.74 15.04 -0.63
CA GLY E 296 -1.73 16.46 -0.95
C GLY E 296 -2.98 17.17 -0.48
N GLN E 297 -4.12 16.47 -0.54
CA GLN E 297 -5.42 16.98 -0.11
C GLN E 297 -5.41 17.32 1.37
N THR E 298 -5.07 16.32 2.18
CA THR E 298 -4.99 16.47 3.63
C THR E 298 -3.86 17.41 3.98
N SER E 299 -2.72 17.20 3.34
CA SER E 299 -1.58 18.07 3.49
C SER E 299 -1.99 19.54 3.46
N VAL E 300 -2.92 19.92 2.58
CA VAL E 300 -3.45 21.31 2.58
C VAL E 300 -4.37 21.57 3.79
N ASP E 301 -5.51 20.89 3.83
CA ASP E 301 -6.48 21.00 4.93
C ASP E 301 -5.83 21.17 6.30
N ARG E 302 -4.75 20.45 6.54
CA ARG E 302 -4.07 20.53 7.82
C ARG E 302 -3.32 21.84 7.95
N LEU E 303 -2.55 22.22 6.94
CA LEU E 303 -1.77 23.44 7.02
C LEU E 303 -2.70 24.58 7.32
N LEU E 304 -3.84 24.61 6.65
CA LEU E 304 -4.81 25.69 6.89
C LEU E 304 -5.44 25.59 8.27
N GLN E 305 -5.71 24.37 8.74
CA GLN E 305 -6.13 24.14 10.13
C GLN E 305 -5.09 24.73 11.09
N LEU E 306 -3.85 24.25 10.97
CA LEU E 306 -2.71 24.75 11.73
C LEU E 306 -2.54 26.26 11.65
N SER E 307 -2.86 26.82 10.49
CA SER E 307 -2.77 28.26 10.28
C SER E 307 -3.76 28.98 11.19
N GLN E 308 -4.95 28.40 11.33
CA GLN E 308 -5.96 28.98 12.18
C GLN E 308 -5.72 28.68 13.67
N GLY E 309 -4.78 27.78 13.96
CA GLY E 309 -4.42 27.42 15.34
C GLY E 309 -5.25 26.31 15.97
N GLN E 310 -5.84 25.47 15.10
CA GLN E 310 -6.60 24.27 15.50
C GLN E 310 -5.66 23.23 16.16
N ALA E 311 -6.14 22.61 17.24
CA ALA E 311 -5.39 21.53 17.91
C ALA E 311 -5.38 20.25 17.07
N VAL E 312 -4.39 20.17 16.17
CA VAL E 312 -4.21 19.04 15.27
C VAL E 312 -2.72 18.82 15.07
N LYS E 313 -1.99 18.82 16.18
CA LYS E 313 -0.53 18.92 16.18
C LYS E 313 0.19 17.58 16.06
N GLY E 314 1.37 17.60 15.43
CA GLY E 314 2.23 16.43 15.39
C GLY E 314 2.06 15.51 14.20
N ASN E 315 2.07 14.21 14.46
CA ASN E 315 2.14 13.24 13.39
C ASN E 315 0.83 12.56 13.13
N GLN E 316 0.53 12.31 11.86
CA GLN E 316 -0.59 11.46 11.47
C GLN E 316 -0.24 10.61 10.28
N LEU E 317 -0.74 9.38 10.31
CA LEU E 317 -0.37 8.38 9.33
C LEU E 317 -1.55 8.17 8.40
N LEU E 318 -1.30 8.26 7.11
CA LEU E 318 -2.33 7.96 6.12
C LEU E 318 -2.38 6.47 5.82
N PRO E 319 -3.54 5.94 5.43
CA PRO E 319 -3.58 4.51 5.14
C PRO E 319 -2.88 4.12 3.84
N VAL E 320 -2.41 2.89 3.76
CA VAL E 320 -2.00 2.31 2.47
C VAL E 320 -2.85 1.05 2.31
N SER E 321 -2.57 0.24 1.28
CA SER E 321 -3.33 -0.99 1.06
C SER E 321 -2.66 -1.80 -0.02
N LEU E 322 -2.88 -3.13 0.03
CA LEU E 322 -2.20 -4.02 -0.91
C LEU E 322 -3.04 -4.28 -2.14
N VAL E 323 -2.43 -3.96 -3.27
CA VAL E 323 -3.00 -4.19 -4.58
C VAL E 323 -2.48 -5.55 -5.08
N LYS E 324 -3.33 -6.57 -5.00
CA LYS E 324 -2.94 -7.90 -5.43
C LYS E 324 -3.07 -7.99 -6.93
N ARG E 325 -1.98 -8.26 -7.62
CA ARG E 325 -2.02 -8.44 -9.06
C ARG E 325 -1.33 -9.74 -9.49
N LYS E 326 -0.46 -9.69 -10.49
CA LYS E 326 0.06 -10.89 -11.12
C LYS E 326 1.52 -11.23 -10.82
N THR E 327 2.16 -10.53 -9.88
CA THR E 327 3.60 -10.73 -9.68
C THR E 327 3.96 -11.55 -8.43
N THR E 328 3.00 -12.28 -7.87
CA THR E 328 3.26 -12.98 -6.62
C THR E 328 2.73 -14.40 -6.59
N LEU E 329 1.94 -14.75 -7.59
CA LEU E 329 1.26 -16.04 -7.57
C LEU E 329 1.99 -17.19 -8.29
N ALA E 330 1.77 -18.40 -7.77
CA ALA E 330 2.09 -19.70 -8.41
C ALA E 330 3.40 -19.80 -9.23
N LYS F 1 -14.20 -71.24 40.87
CA LYS F 1 -13.49 -71.85 39.70
C LYS F 1 -12.10 -71.23 39.43
N PRO F 2 -11.99 -69.88 39.49
CA PRO F 2 -10.69 -69.30 39.16
C PRO F 2 -9.66 -69.51 40.27
N VAL F 3 -8.37 -69.50 39.89
CA VAL F 3 -7.29 -69.71 40.84
C VAL F 3 -7.16 -68.53 41.80
N THR F 4 -7.47 -68.79 43.07
CA THR F 4 -7.42 -67.79 44.13
C THR F 4 -6.01 -67.68 44.75
N LEU F 5 -5.91 -67.05 45.92
CA LEU F 5 -4.63 -66.90 46.63
C LEU F 5 -4.40 -68.01 47.67
N TYR F 6 -5.49 -68.67 48.07
CA TYR F 6 -5.41 -69.86 48.91
C TYR F 6 -4.73 -71.02 48.17
N ASP F 7 -4.64 -70.91 46.85
CA ASP F 7 -4.09 -71.95 45.99
C ASP F 7 -2.58 -71.82 45.77
N VAL F 8 -1.93 -71.02 46.61
CA VAL F 8 -0.47 -70.92 46.62
C VAL F 8 0.04 -71.32 48.01
N ALA F 9 -0.88 -71.37 48.99
CA ALA F 9 -0.57 -71.67 50.38
C ALA F 9 -0.19 -73.13 50.64
N GLU F 10 -1.17 -74.03 50.54
CA GLU F 10 -0.96 -75.47 50.79
C GLU F 10 -0.56 -76.26 49.53
N TYR F 11 -0.07 -75.53 48.53
CA TYR F 11 0.39 -76.12 47.27
C TYR F 11 1.90 -75.83 47.07
N ALA F 12 2.41 -74.85 47.82
CA ALA F 12 3.83 -74.49 47.80
C ALA F 12 4.51 -74.71 49.16
N GLY F 13 3.92 -74.15 50.22
CA GLY F 13 4.44 -74.32 51.58
C GLY F 13 4.38 -73.08 52.46
N VAL F 14 3.62 -72.07 52.02
CA VAL F 14 3.46 -70.80 52.77
C VAL F 14 1.97 -70.47 52.98
N SER F 15 1.64 -69.18 53.03
CA SER F 15 0.24 -68.75 53.12
C SER F 15 -0.04 -67.46 52.32
N TYR F 16 -1.30 -67.04 52.29
CA TYR F 16 -1.76 -65.98 51.40
C TYR F 16 -1.12 -64.60 51.60
N GLN F 17 -0.92 -64.21 52.86
CA GLN F 17 -0.38 -62.89 53.20
C GLN F 17 1.10 -62.73 52.81
N THR F 18 1.84 -63.84 52.81
CA THR F 18 3.24 -63.85 52.41
C THR F 18 3.36 -63.64 50.89
N VAL F 19 2.58 -64.42 50.14
CA VAL F 19 2.54 -64.35 48.68
C VAL F 19 1.97 -63.01 48.20
N SER F 20 1.16 -62.38 49.06
CA SER F 20 0.61 -61.05 48.82
C SER F 20 1.69 -59.97 48.67
N ARG F 21 2.80 -60.11 49.40
CA ARG F 21 3.92 -59.19 49.27
C ARG F 21 4.94 -59.66 48.23
N VAL F 22 4.77 -60.90 47.75
CA VAL F 22 5.65 -61.47 46.73
C VAL F 22 5.28 -60.95 45.34
N VAL F 23 3.98 -61.01 45.01
CA VAL F 23 3.46 -60.56 43.72
C VAL F 23 3.82 -59.10 43.41
N ASN F 24 3.92 -58.31 44.46
CA ASN F 24 4.39 -56.93 44.38
C ASN F 24 5.39 -56.59 45.50
N GLN F 25 6.66 -56.46 45.12
CA GLN F 25 7.75 -56.11 46.04
C GLN F 25 7.40 -54.90 46.91
N ALA F 26 7.55 -55.03 48.23
CA ALA F 26 7.16 -53.99 49.18
C ALA F 26 8.27 -53.58 50.16
N SER F 27 7.87 -53.20 51.38
CA SER F 27 8.81 -52.71 52.42
C SER F 27 9.76 -53.78 52.97
N HIS F 28 9.25 -55.00 53.15
CA HIS F 28 10.07 -56.12 53.63
C HIS F 28 9.94 -57.36 52.74
N VAL F 29 10.91 -57.52 51.84
CA VAL F 29 10.98 -58.68 50.94
C VAL F 29 12.26 -59.48 51.17
N SER F 30 12.39 -60.04 52.37
CA SER F 30 13.60 -60.76 52.79
C SER F 30 13.36 -62.27 52.95
N ALA F 31 12.62 -62.85 52.00
CA ALA F 31 12.35 -64.28 52.01
C ALA F 31 13.19 -65.02 50.97
N LYS F 32 13.82 -66.12 51.39
CA LYS F 32 14.47 -67.04 50.45
C LYS F 32 13.50 -68.12 50.03
N THR F 33 12.40 -68.23 50.77
CA THR F 33 11.25 -69.07 50.40
C THR F 33 10.51 -68.47 49.20
N ARG F 34 10.77 -67.18 48.94
CA ARG F 34 10.18 -66.44 47.83
C ARG F 34 10.54 -67.02 46.44
N GLU F 35 11.76 -67.55 46.32
CA GLU F 35 12.25 -68.08 45.04
C GLU F 35 11.58 -69.41 44.65
N LYS F 36 11.06 -70.13 45.65
CA LYS F 36 10.27 -71.35 45.42
C LYS F 36 8.76 -71.02 45.47
N VAL F 37 8.45 -69.73 45.35
CA VAL F 37 7.07 -69.24 45.21
C VAL F 37 6.92 -68.49 43.87
N GLU F 38 8.04 -67.97 43.36
CA GLU F 38 8.12 -67.41 42.02
C GLU F 38 7.71 -68.45 40.97
N ALA F 39 8.21 -69.67 41.16
CA ALA F 39 7.92 -70.79 40.26
C ALA F 39 6.61 -71.52 40.60
N ALA F 40 6.16 -71.39 41.85
CA ALA F 40 4.88 -71.96 42.28
C ALA F 40 3.72 -71.12 41.76
N MET F 41 3.94 -69.81 41.66
CA MET F 41 2.99 -68.87 41.06
C MET F 41 3.00 -69.00 39.54
N ALA F 42 4.20 -69.08 38.96
CA ALA F 42 4.39 -69.11 37.50
C ALA F 42 3.94 -70.41 36.81
N GLU F 43 3.89 -71.51 37.56
CA GLU F 43 3.47 -72.81 36.99
C GLU F 43 1.99 -73.13 37.30
N LEU F 44 1.42 -72.39 38.24
CA LEU F 44 -0.02 -72.44 38.51
C LEU F 44 -0.80 -71.38 37.74
N ASN F 45 -0.07 -70.60 36.92
CA ASN F 45 -0.64 -69.55 36.06
C ASN F 45 -1.57 -68.60 36.83
N TYR F 46 -0.96 -67.79 37.70
CA TYR F 46 -1.71 -66.94 38.62
C TYR F 46 -1.86 -65.52 38.11
N ILE F 47 -3.10 -65.04 38.19
CA ILE F 47 -3.47 -63.70 37.76
C ILE F 47 -4.28 -63.01 38.87
N PRO F 48 -3.64 -62.08 39.59
CA PRO F 48 -4.26 -61.42 40.74
C PRO F 48 -5.54 -60.66 40.39
N ASN F 49 -6.68 -61.17 40.87
CA ASN F 49 -7.99 -60.56 40.68
C ASN F 49 -8.01 -59.09 41.11
N ARG F 50 -7.88 -58.20 40.11
CA ARG F 50 -7.83 -56.75 40.35
C ARG F 50 -9.15 -56.15 40.87
N VAL F 51 -10.22 -56.92 40.82
CA VAL F 51 -11.49 -56.50 41.39
C VAL F 51 -11.44 -56.76 42.90
N ALA F 52 -10.68 -57.79 43.28
CA ALA F 52 -10.54 -58.16 44.69
C ALA F 52 -9.60 -57.23 45.44
N GLN F 53 -8.56 -56.76 44.76
CA GLN F 53 -7.58 -55.89 45.41
C GLN F 53 -7.89 -54.40 45.34
N GLN F 54 -8.81 -54.00 44.45
CA GLN F 54 -9.27 -52.62 44.42
C GLN F 54 -10.22 -52.35 45.59
N LEU F 55 -11.09 -53.32 45.87
CA LEU F 55 -12.06 -53.23 46.97
C LEU F 55 -11.37 -53.29 48.33
N ALA F 56 -10.28 -54.05 48.38
CA ALA F 56 -9.37 -54.05 49.53
C ALA F 56 -8.62 -52.73 49.65
N GLY F 57 -8.90 -51.82 48.73
CA GLY F 57 -8.36 -50.46 48.77
C GLY F 57 -6.88 -50.39 48.47
N LYS F 58 -6.49 -50.97 47.32
CA LYS F 58 -5.11 -50.91 46.89
C LYS F 58 -4.79 -49.52 46.34
N GLN F 59 -3.50 -49.19 46.31
CA GLN F 59 -3.01 -48.06 45.52
C GLN F 59 -3.23 -48.35 44.02
N LEU F 60 -4.38 -47.89 43.50
CA LEU F 60 -4.72 -48.06 42.08
C LEU F 60 -5.40 -46.83 41.49
N LEU F 61 -4.71 -46.17 40.57
CA LEU F 61 -5.22 -44.96 39.96
C LEU F 61 -6.02 -45.30 38.71
N LEU F 62 -7.32 -45.08 38.79
CA LEU F 62 -8.26 -45.56 37.80
C LEU F 62 -9.12 -44.42 37.26
N ILE F 63 -8.65 -43.85 36.14
CA ILE F 63 -9.33 -42.80 35.37
C ILE F 63 -10.57 -43.32 34.65
N GLY F 64 -11.68 -42.61 34.79
CA GLY F 64 -12.87 -42.82 33.96
C GLY F 64 -12.94 -41.79 32.84
N VAL F 65 -13.58 -42.14 31.72
CA VAL F 65 -13.71 -41.23 30.58
C VAL F 65 -15.08 -41.37 29.96
N ALA F 66 -15.78 -40.25 29.78
CA ALA F 66 -16.98 -40.23 28.95
C ALA F 66 -16.67 -39.45 27.69
N THR F 67 -16.81 -40.11 26.54
CA THR F 67 -16.47 -39.51 25.25
C THR F 67 -17.58 -39.71 24.23
N SER F 68 -17.66 -38.82 23.26
CA SER F 68 -18.53 -39.05 22.11
C SER F 68 -17.99 -40.21 21.25
N SER F 69 -18.89 -40.83 20.47
CA SER F 69 -18.60 -42.01 19.65
C SER F 69 -17.23 -42.03 19.00
N LEU F 70 -16.46 -43.06 19.33
CA LEU F 70 -15.10 -43.25 18.82
C LEU F 70 -15.07 -43.45 17.32
N ALA F 71 -16.25 -43.65 16.72
CA ALA F 71 -16.37 -43.74 15.26
C ALA F 71 -16.02 -42.43 14.57
N LEU F 72 -16.11 -41.34 15.32
CA LEU F 72 -15.67 -40.04 14.83
C LEU F 72 -14.18 -39.97 14.93
N HIS F 73 -13.58 -39.03 14.20
CA HIS F 73 -12.13 -38.90 14.19
C HIS F 73 -11.52 -38.50 15.52
N ALA F 74 -11.64 -37.21 15.84
CA ALA F 74 -10.92 -36.64 16.96
C ALA F 74 -11.09 -37.37 18.32
N PRO F 75 -12.32 -37.76 18.66
CA PRO F 75 -12.50 -38.37 19.98
C PRO F 75 -11.82 -39.75 20.11
N SER F 76 -11.48 -40.37 18.98
CA SER F 76 -10.73 -41.63 19.01
C SER F 76 -9.28 -41.35 19.30
N GLN F 77 -8.70 -40.41 18.59
CA GLN F 77 -7.30 -40.02 18.78
C GLN F 77 -7.00 -39.50 20.19
N ILE F 78 -7.96 -38.76 20.76
CA ILE F 78 -7.91 -38.34 22.15
C ILE F 78 -7.82 -39.54 23.06
N VAL F 79 -8.83 -40.40 23.02
CA VAL F 79 -8.87 -41.65 23.80
C VAL F 79 -7.56 -42.42 23.66
N ALA F 80 -7.14 -42.64 22.42
CA ALA F 80 -5.85 -43.27 22.13
C ALA F 80 -4.78 -42.67 23.04
N ALA F 81 -4.65 -41.34 23.00
CA ALA F 81 -3.63 -40.63 23.77
C ALA F 81 -3.80 -40.74 25.28
N ILE F 82 -5.06 -40.80 25.73
CA ILE F 82 -5.40 -40.96 27.13
C ILE F 82 -4.94 -42.33 27.57
N LYS F 83 -5.42 -43.34 26.83
CA LYS F 83 -5.07 -44.74 27.04
C LYS F 83 -3.56 -44.91 27.14
N SER F 84 -2.84 -44.34 26.18
CA SER F 84 -1.39 -44.38 26.15
C SER F 84 -0.75 -43.78 27.40
N ARG F 85 -1.13 -42.54 27.73
CA ARG F 85 -0.49 -41.82 28.85
C ARG F 85 -0.75 -42.49 30.17
N ALA F 86 -1.96 -43.04 30.35
CA ALA F 86 -2.27 -43.76 31.57
C ALA F 86 -1.29 -44.92 31.77
N ASP F 87 -1.05 -45.69 30.71
CA ASP F 87 -0.12 -46.81 30.76
C ASP F 87 1.28 -46.35 31.10
N GLN F 88 1.72 -45.27 30.46
CA GLN F 88 3.01 -44.65 30.74
C GLN F 88 3.18 -44.34 32.23
N LEU F 89 2.10 -43.93 32.87
CA LEU F 89 2.10 -43.53 34.28
C LEU F 89 1.60 -44.63 35.19
N GLY F 90 1.19 -45.75 34.59
CA GLY F 90 0.68 -46.90 35.34
C GLY F 90 -0.69 -46.65 35.94
N ALA F 91 -1.62 -46.21 35.10
CA ALA F 91 -3.02 -46.04 35.50
C ALA F 91 -3.92 -46.78 34.54
N SER F 92 -4.98 -47.42 35.03
CA SER F 92 -5.91 -48.06 34.13
C SER F 92 -7.09 -47.15 33.81
N VAL F 93 -7.47 -47.13 32.54
CA VAL F 93 -8.51 -46.25 32.05
C VAL F 93 -9.78 -47.03 31.74
N VAL F 94 -10.92 -46.57 32.24
CA VAL F 94 -12.19 -47.16 31.83
C VAL F 94 -13.12 -46.13 31.18
N VAL F 95 -13.20 -46.20 29.85
CA VAL F 95 -13.96 -45.26 29.04
C VAL F 95 -15.41 -45.72 28.86
N SER F 96 -16.34 -44.77 28.83
CA SER F 96 -17.76 -45.04 28.58
C SER F 96 -18.24 -44.15 27.44
N MET F 97 -18.93 -44.74 26.48
CA MET F 97 -19.17 -44.05 25.23
C MET F 97 -20.58 -43.51 25.10
N VAL F 98 -20.71 -42.20 25.12
CA VAL F 98 -22.01 -41.57 25.00
C VAL F 98 -22.45 -41.66 23.56
N GLU F 99 -23.42 -42.53 23.29
CA GLU F 99 -23.86 -42.75 21.91
C GLU F 99 -25.11 -41.93 21.56
N ARG F 100 -26.01 -41.77 22.52
CA ARG F 100 -27.17 -40.89 22.38
C ARG F 100 -26.76 -39.42 22.32
N SER F 101 -27.71 -38.58 21.90
CA SER F 101 -27.55 -37.13 21.93
C SER F 101 -28.41 -36.57 23.06
N GLY F 102 -27.77 -35.97 24.05
CA GLY F 102 -28.50 -35.36 25.14
C GLY F 102 -27.71 -35.06 26.40
N VAL F 103 -28.35 -34.33 27.30
CA VAL F 103 -27.74 -34.02 28.58
C VAL F 103 -27.91 -35.20 29.52
N GLU F 104 -29.10 -35.79 29.54
CA GLU F 104 -29.42 -36.88 30.47
C GLU F 104 -28.69 -38.15 30.06
N ALA F 105 -28.23 -38.19 28.81
CA ALA F 105 -27.48 -39.31 28.28
C ALA F 105 -26.05 -39.35 28.83
N CYS F 106 -25.43 -38.18 28.89
CA CYS F 106 -24.06 -38.04 29.37
C CYS F 106 -24.00 -38.10 30.88
N LYS F 107 -25.08 -37.67 31.53
CA LYS F 107 -25.17 -37.72 32.97
C LYS F 107 -25.19 -39.19 33.39
N ALA F 108 -25.93 -40.00 32.63
CA ALA F 108 -25.96 -41.47 32.82
C ALA F 108 -24.61 -42.13 32.55
N ALA F 109 -23.89 -41.64 31.56
CA ALA F 109 -22.54 -42.13 31.25
C ALA F 109 -21.57 -41.81 32.39
N VAL F 110 -21.82 -40.70 33.08
CA VAL F 110 -21.07 -40.34 34.27
C VAL F 110 -21.44 -41.29 35.40
N HIS F 111 -22.69 -41.71 35.42
CA HIS F 111 -23.25 -42.56 36.48
C HIS F 111 -22.61 -43.96 36.49
N ASN F 112 -22.18 -44.41 35.32
CA ASN F 112 -21.56 -45.72 35.19
C ASN F 112 -20.08 -45.70 35.47
N LEU F 113 -19.42 -44.59 35.18
CA LEU F 113 -18.01 -44.42 35.53
C LEU F 113 -17.86 -44.29 37.04
N LEU F 114 -18.88 -43.72 37.67
CA LEU F 114 -18.90 -43.49 39.09
C LEU F 114 -19.03 -44.77 39.88
N ALA F 115 -19.96 -45.63 39.44
CA ALA F 115 -20.11 -46.98 39.98
C ALA F 115 -18.73 -47.64 40.08
N GLN F 116 -18.06 -47.75 38.94
CA GLN F 116 -16.75 -48.40 38.85
C GLN F 116 -15.72 -47.86 39.84
N ARG F 117 -16.04 -46.74 40.49
CA ARG F 117 -15.20 -46.14 41.51
C ARG F 117 -13.90 -45.60 40.98
N VAL F 118 -13.98 -44.93 39.83
CA VAL F 118 -12.85 -44.19 39.26
C VAL F 118 -12.42 -43.06 40.20
N SER F 119 -11.14 -42.71 40.17
CA SER F 119 -10.65 -41.60 41.00
C SER F 119 -10.79 -40.22 40.34
N GLY F 120 -11.41 -40.19 39.16
CA GLY F 120 -11.64 -38.95 38.39
C GLY F 120 -12.23 -39.18 37.01
N LEU F 121 -12.73 -38.11 36.39
CA LEU F 121 -13.38 -38.23 35.08
C LEU F 121 -12.84 -37.27 34.02
N ILE F 122 -12.50 -37.80 32.85
CA ILE F 122 -12.27 -36.96 31.67
C ILE F 122 -13.53 -36.99 30.80
N ILE F 123 -14.17 -35.85 30.65
CA ILE F 123 -15.47 -35.81 29.99
C ILE F 123 -15.43 -35.11 28.64
N ASN F 124 -15.08 -35.90 27.62
CA ASN F 124 -15.02 -35.46 26.25
C ASN F 124 -16.36 -35.63 25.52
N TYR F 125 -17.41 -35.04 26.08
CA TYR F 125 -18.70 -34.94 25.42
C TYR F 125 -19.05 -33.46 25.31
N PRO F 126 -19.67 -33.05 24.18
CA PRO F 126 -20.15 -31.67 24.00
C PRO F 126 -21.25 -31.30 24.97
N LEU F 127 -20.99 -30.26 25.76
CA LEU F 127 -21.85 -29.90 26.86
C LEU F 127 -22.04 -28.40 26.89
N ASP F 128 -23.29 -27.96 26.93
CA ASP F 128 -23.58 -26.55 27.14
C ASP F 128 -23.18 -26.19 28.58
N ASP F 129 -22.97 -24.90 28.86
CA ASP F 129 -22.50 -24.44 30.17
C ASP F 129 -23.19 -25.03 31.40
N GLN F 130 -24.51 -24.92 31.45
CA GLN F 130 -25.22 -25.28 32.67
C GLN F 130 -25.24 -26.78 32.90
N ASP F 131 -25.21 -27.54 31.80
CA ASP F 131 -25.16 -28.98 31.86
C ASP F 131 -23.76 -29.42 32.24
N ALA F 132 -22.76 -28.80 31.64
CA ALA F 132 -21.40 -28.98 32.09
C ALA F 132 -21.28 -28.73 33.61
N ILE F 133 -22.00 -27.72 34.12
CA ILE F 133 -22.03 -27.46 35.56
C ILE F 133 -22.74 -28.60 36.27
N ALA F 134 -23.86 -29.03 35.69
CA ALA F 134 -24.67 -30.08 36.24
C ALA F 134 -23.85 -31.36 36.35
N VAL F 135 -23.20 -31.72 35.24
CA VAL F 135 -22.46 -32.98 35.13
C VAL F 135 -21.24 -32.99 36.05
N GLU F 136 -20.61 -31.82 36.23
CA GLU F 136 -19.53 -31.66 37.19
C GLU F 136 -20.06 -31.90 38.59
N ALA F 137 -21.30 -31.44 38.84
CA ALA F 137 -21.92 -31.52 40.15
C ALA F 137 -22.29 -32.96 40.54
N ALA F 138 -22.48 -33.81 39.53
CA ALA F 138 -22.76 -35.22 39.77
C ALA F 138 -21.53 -36.01 40.22
N CYS F 139 -20.34 -35.53 39.87
CA CYS F 139 -19.07 -36.19 40.22
C CYS F 139 -18.69 -36.01 41.69
N THR F 140 -19.40 -36.74 42.55
CA THR F 140 -19.22 -36.63 44.00
C THR F 140 -17.82 -37.03 44.47
N ASN F 141 -17.16 -36.11 45.17
CA ASN F 141 -15.78 -36.26 45.69
C ASN F 141 -14.71 -36.27 44.58
N VAL F 142 -14.99 -37.01 43.50
CA VAL F 142 -14.06 -37.11 42.36
C VAL F 142 -14.09 -35.87 41.48
N PRO F 143 -12.91 -35.42 41.04
CA PRO F 143 -12.79 -34.26 40.15
C PRO F 143 -13.14 -34.57 38.69
N ALA F 144 -13.69 -33.60 37.96
CA ALA F 144 -14.01 -33.81 36.54
C ALA F 144 -13.28 -32.81 35.62
N LEU F 145 -12.77 -33.33 34.50
CA LEU F 145 -12.06 -32.50 33.52
C LEU F 145 -12.73 -32.50 32.16
N PHE F 146 -13.08 -31.32 31.68
CA PHE F 146 -13.92 -31.15 30.50
C PHE F 146 -13.15 -30.79 29.22
N LEU F 147 -13.55 -31.37 28.09
CA LEU F 147 -12.81 -31.22 26.83
C LEU F 147 -13.66 -30.77 25.65
N ASP F 148 -14.98 -30.83 25.81
CA ASP F 148 -15.87 -30.27 24.78
C ASP F 148 -16.85 -29.31 25.41
N VAL F 149 -16.30 -28.38 26.19
CA VAL F 149 -17.01 -27.20 26.70
C VAL F 149 -16.31 -25.93 26.21
N SER F 150 -16.97 -24.78 26.39
CA SER F 150 -16.39 -23.50 26.02
C SER F 150 -15.44 -23.00 27.11
N ASP F 151 -14.46 -22.20 26.71
CA ASP F 151 -13.53 -21.59 27.66
C ASP F 151 -14.27 -20.86 28.78
N GLN F 152 -15.35 -20.17 28.44
CA GLN F 152 -16.14 -19.41 29.41
C GLN F 152 -16.84 -20.29 30.46
N THR F 153 -16.97 -21.59 30.19
CA THR F 153 -17.63 -22.47 31.13
C THR F 153 -16.79 -22.51 32.37
N PRO F 154 -17.39 -22.16 33.53
CA PRO F 154 -16.70 -21.99 34.81
C PRO F 154 -16.31 -23.29 35.52
N ILE F 155 -15.98 -24.32 34.75
CA ILE F 155 -15.47 -25.58 35.30
C ILE F 155 -14.05 -25.90 34.79
N ASN F 156 -13.57 -27.10 35.11
CA ASN F 156 -12.22 -27.50 34.76
C ASN F 156 -12.13 -28.01 33.33
N SER F 157 -11.23 -27.45 32.52
CA SER F 157 -11.27 -27.73 31.11
C SER F 157 -9.96 -27.54 30.40
N ILE F 158 -9.80 -28.28 29.31
CA ILE F 158 -8.69 -28.12 28.39
C ILE F 158 -9.27 -28.20 27.01
N ILE F 159 -9.18 -27.09 26.29
CA ILE F 159 -9.60 -27.07 24.91
C ILE F 159 -8.46 -26.50 24.07
N PHE F 160 -8.50 -26.68 22.75
CA PHE F 160 -7.52 -26.02 21.92
C PHE F 160 -7.84 -24.54 21.80
N SER F 161 -6.83 -23.72 21.50
CA SER F 161 -7.06 -22.30 21.27
C SER F 161 -7.71 -22.03 19.92
N HIS F 162 -9.04 -22.07 19.89
CA HIS F 162 -9.78 -21.77 18.68
C HIS F 162 -9.62 -20.33 18.31
N GLU F 163 -9.45 -19.49 19.33
CA GLU F 163 -9.15 -18.10 19.09
C GLU F 163 -7.84 -17.97 18.30
N ASP F 164 -6.91 -18.91 18.48
CA ASP F 164 -5.68 -18.91 17.70
C ASP F 164 -5.88 -19.56 16.33
N GLY F 165 -6.64 -20.65 16.31
CA GLY F 165 -6.89 -21.39 15.07
C GLY F 165 -7.60 -20.54 14.05
N THR F 166 -8.70 -19.91 14.49
CA THR F 166 -9.50 -19.06 13.63
C THR F 166 -8.72 -17.83 13.24
N ARG F 167 -8.05 -17.19 14.21
CA ARG F 167 -7.22 -16.04 13.90
C ARG F 167 -6.27 -16.44 12.80
N LEU F 168 -5.53 -17.51 13.06
CA LEU F 168 -4.58 -18.05 12.09
C LEU F 168 -5.11 -18.19 10.66
N GLY F 169 -6.31 -18.76 10.53
CA GLY F 169 -6.95 -18.93 9.22
C GLY F 169 -7.35 -17.64 8.54
N VAL F 170 -8.02 -16.75 9.29
CA VAL F 170 -8.51 -15.46 8.78
C VAL F 170 -7.32 -14.59 8.38
N GLU F 171 -6.41 -14.42 9.33
CA GLU F 171 -5.21 -13.62 9.13
C GLU F 171 -4.42 -14.09 7.91
N HIS F 172 -4.56 -15.38 7.59
CA HIS F 172 -3.89 -16.02 6.45
C HIS F 172 -4.56 -15.61 5.14
N LEU F 173 -5.81 -16.04 4.93
CA LEU F 173 -6.57 -15.66 3.75
C LEU F 173 -6.46 -14.16 3.45
N VAL F 174 -6.51 -13.34 4.50
CA VAL F 174 -6.34 -11.90 4.36
C VAL F 174 -4.94 -11.53 3.83
N ALA F 175 -3.92 -12.20 4.34
CA ALA F 175 -2.55 -11.91 3.91
C ALA F 175 -2.31 -12.40 2.48
N LEU F 176 -3.16 -13.31 2.01
CA LEU F 176 -3.15 -13.74 0.61
C LEU F 176 -3.89 -12.71 -0.19
N GLY F 177 -4.87 -12.09 0.44
CA GLY F 177 -5.61 -11.01 -0.17
C GLY F 177 -6.98 -11.45 -0.59
N HIS F 178 -7.65 -12.21 0.27
CA HIS F 178 -8.99 -12.69 -0.01
C HIS F 178 -9.99 -11.78 0.70
N GLN F 179 -11.03 -11.35 -0.02
CA GLN F 179 -12.11 -10.55 0.59
C GLN F 179 -13.44 -11.29 0.54
N GLN F 180 -13.58 -12.17 -0.44
CA GLN F 180 -14.82 -12.89 -0.63
C GLN F 180 -14.73 -14.30 0.02
N ILE F 181 -14.97 -14.36 1.33
CA ILE F 181 -14.68 -15.56 2.11
C ILE F 181 -15.99 -16.21 2.54
N ALA F 182 -16.05 -17.53 2.56
CA ALA F 182 -17.22 -18.24 3.08
C ALA F 182 -16.89 -19.11 4.29
N LEU F 183 -17.88 -19.35 5.14
CA LEU F 183 -17.66 -20.16 6.31
C LEU F 183 -18.40 -21.49 6.22
N LEU F 184 -17.76 -22.56 6.68
CA LEU F 184 -18.44 -23.82 6.79
C LEU F 184 -18.17 -24.40 8.17
N ALA F 185 -19.12 -24.16 9.08
CA ALA F 185 -19.02 -24.61 10.47
C ALA F 185 -19.30 -26.10 10.56
N GLY F 186 -18.98 -26.69 11.70
CA GLY F 186 -19.36 -28.07 11.98
C GLY F 186 -20.80 -28.06 12.48
N PRO F 187 -21.28 -29.19 12.98
CA PRO F 187 -22.64 -29.14 13.48
C PRO F 187 -22.73 -28.22 14.68
N LEU F 188 -23.70 -27.31 14.65
CA LEU F 188 -23.93 -26.39 15.77
C LEU F 188 -24.29 -27.09 17.10
N SER F 189 -24.67 -28.36 17.01
CA SER F 189 -24.76 -29.22 18.16
C SER F 189 -23.45 -29.27 18.99
N SER F 190 -22.32 -29.15 18.30
CA SER F 190 -21.00 -29.26 18.92
C SER F 190 -20.54 -27.93 19.43
N VAL F 191 -20.10 -27.89 20.68
CA VAL F 191 -19.44 -26.71 21.26
C VAL F 191 -18.27 -26.28 20.37
N SER F 192 -17.35 -27.21 20.13
CA SER F 192 -16.11 -26.89 19.45
C SER F 192 -16.35 -26.28 18.07
N ALA F 193 -17.39 -26.75 17.39
CA ALA F 193 -17.72 -26.22 16.06
C ALA F 193 -18.07 -24.75 16.20
N ARG F 194 -18.77 -24.46 17.29
CA ARG F 194 -19.43 -23.20 17.57
C ARG F 194 -18.39 -22.15 17.91
N LEU F 195 -17.42 -22.55 18.75
CA LEU F 195 -16.28 -21.69 19.10
C LEU F 195 -15.52 -21.29 17.84
N ARG F 196 -15.29 -22.27 16.97
CA ARG F 196 -14.62 -22.02 15.71
C ARG F 196 -15.40 -21.07 14.81
N LEU F 197 -16.73 -21.14 14.86
CA LEU F 197 -17.55 -20.19 14.12
C LEU F 197 -17.30 -18.85 14.79
N ALA F 198 -17.82 -18.72 16.01
CA ALA F 198 -17.53 -17.61 16.90
C ALA F 198 -16.16 -16.98 16.62
N GLY F 199 -15.14 -17.82 16.54
CA GLY F 199 -13.79 -17.34 16.33
C GLY F 199 -13.55 -16.69 14.99
N TRP F 200 -14.04 -17.32 13.93
CA TRP F 200 -13.86 -16.80 12.57
C TRP F 200 -14.50 -15.42 12.49
N HIS F 201 -15.73 -15.33 13.01
CA HIS F 201 -16.46 -14.07 13.06
C HIS F 201 -15.65 -12.93 13.70
N LYS F 202 -15.29 -13.08 14.98
CA LYS F 202 -14.40 -12.13 15.64
C LYS F 202 -13.34 -11.60 14.66
N TYR F 203 -12.47 -12.48 14.20
CA TYR F 203 -11.28 -12.07 13.45
C TYR F 203 -11.60 -11.60 12.03
N LEU F 204 -12.79 -11.93 11.54
CA LEU F 204 -13.24 -11.37 10.27
C LEU F 204 -13.75 -9.93 10.50
N THR F 205 -14.57 -9.76 11.53
CA THR F 205 -15.07 -8.46 11.90
C THR F 205 -13.90 -7.53 12.17
N ARG F 206 -12.86 -8.04 12.82
CA ARG F 206 -11.64 -7.24 13.02
C ARG F 206 -10.94 -6.79 11.72
N ASN F 207 -11.32 -7.37 10.59
CA ASN F 207 -10.72 -6.99 9.32
C ASN F 207 -11.69 -6.33 8.35
N GLN F 208 -12.83 -5.91 8.87
CA GLN F 208 -13.87 -5.30 8.08
C GLN F 208 -14.23 -6.23 6.92
N ILE F 209 -14.49 -7.49 7.22
CA ILE F 209 -14.97 -8.42 6.19
C ILE F 209 -16.20 -9.18 6.67
N GLN F 210 -17.32 -9.03 5.98
CA GLN F 210 -18.46 -9.92 6.22
C GLN F 210 -18.31 -11.18 5.35
N PRO F 211 -18.51 -12.37 5.94
CA PRO F 211 -18.37 -13.56 5.10
C PRO F 211 -19.54 -13.64 4.15
N ILE F 212 -19.28 -13.97 2.89
CA ILE F 212 -20.31 -13.89 1.85
C ILE F 212 -21.21 -15.12 1.81
N ALA F 213 -21.06 -15.99 2.82
CA ALA F 213 -21.90 -17.19 3.00
C ALA F 213 -21.46 -18.02 4.21
N GLU F 214 -22.43 -18.65 4.87
CA GLU F 214 -22.16 -19.37 6.10
C GLU F 214 -23.02 -20.61 6.16
N ARG F 215 -22.39 -21.76 6.19
CA ARG F 215 -23.11 -23.02 6.11
C ARG F 215 -22.64 -23.98 7.19
N GLU F 216 -23.54 -24.89 7.56
CA GLU F 216 -23.30 -25.82 8.63
C GLU F 216 -23.18 -27.25 8.06
N GLY F 217 -22.18 -27.98 8.52
CA GLY F 217 -21.97 -29.39 8.17
C GLY F 217 -22.21 -30.28 9.38
N ASP F 218 -21.73 -31.52 9.33
CA ASP F 218 -21.84 -32.45 10.48
C ASP F 218 -20.53 -33.17 10.81
N TRP F 219 -19.43 -32.53 10.39
CA TRP F 219 -18.06 -33.03 10.49
C TRP F 219 -17.68 -33.99 9.35
N SER F 220 -18.67 -34.57 8.69
CA SER F 220 -18.44 -35.55 7.63
C SER F 220 -18.06 -34.90 6.31
N ALA F 221 -17.15 -35.54 5.59
CA ALA F 221 -16.69 -35.06 4.30
C ALA F 221 -17.84 -34.93 3.31
N MET F 222 -18.76 -35.89 3.36
CA MET F 222 -19.92 -35.85 2.46
C MET F 222 -20.77 -34.60 2.66
N SER F 223 -20.91 -34.12 3.89
CA SER F 223 -21.71 -32.90 4.13
C SER F 223 -20.99 -31.68 3.56
N GLY F 224 -19.70 -31.58 3.85
CA GLY F 224 -18.84 -30.55 3.26
C GLY F 224 -18.93 -30.49 1.75
N PHE F 225 -19.27 -31.61 1.12
CA PHE F 225 -19.51 -31.65 -0.32
C PHE F 225 -20.84 -31.00 -0.68
N GLN F 226 -21.92 -31.52 -0.11
CA GLN F 226 -23.26 -31.01 -0.43
C GLN F 226 -23.54 -29.57 0.03
N GLN F 227 -22.81 -29.11 1.05
CA GLN F 227 -22.89 -27.73 1.51
C GLN F 227 -22.25 -26.81 0.49
N THR F 228 -20.98 -27.09 0.19
CA THR F 228 -20.22 -26.28 -0.76
C THR F 228 -20.91 -26.30 -2.11
N MET F 229 -21.69 -27.36 -2.34
CA MET F 229 -22.40 -27.53 -3.59
C MET F 229 -23.71 -26.72 -3.65
N GLN F 230 -24.56 -26.83 -2.63
CA GLN F 230 -25.75 -25.99 -2.53
C GLN F 230 -25.37 -24.50 -2.59
N MET F 231 -24.25 -24.16 -1.95
CA MET F 231 -23.72 -22.79 -1.98
C MET F 231 -23.50 -22.36 -3.44
N LEU F 232 -22.66 -23.09 -4.16
CA LEU F 232 -22.34 -22.74 -5.54
C LEU F 232 -23.55 -22.87 -6.46
N ASN F 233 -24.53 -23.65 -6.06
CA ASN F 233 -25.75 -23.77 -6.86
C ASN F 233 -26.59 -22.54 -6.73
N GLU F 234 -26.52 -21.90 -5.57
CA GLU F 234 -27.22 -20.63 -5.34
C GLU F 234 -26.55 -19.49 -6.07
N GLY F 235 -25.34 -19.72 -6.60
CA GLY F 235 -24.62 -18.71 -7.36
C GLY F 235 -23.54 -17.99 -6.59
N ILE F 236 -23.50 -18.21 -5.28
CA ILE F 236 -22.47 -17.70 -4.38
C ILE F 236 -21.09 -18.34 -4.61
N VAL F 237 -20.15 -17.59 -5.17
CA VAL F 237 -18.79 -18.11 -5.46
C VAL F 237 -17.63 -17.28 -4.82
N PRO F 238 -17.19 -17.67 -3.61
CA PRO F 238 -16.21 -16.93 -2.83
C PRO F 238 -14.81 -17.21 -3.34
N THR F 239 -13.81 -16.43 -2.92
CA THR F 239 -12.44 -16.75 -3.28
C THR F 239 -11.75 -17.69 -2.29
N ALA F 240 -12.30 -17.78 -1.08
CA ALA F 240 -11.85 -18.79 -0.11
C ALA F 240 -12.94 -19.22 0.86
N MET F 241 -12.68 -20.32 1.56
CA MET F 241 -13.59 -20.84 2.56
C MET F 241 -12.80 -21.22 3.79
N LEU F 242 -13.31 -20.86 4.96
CA LEU F 242 -12.78 -21.41 6.19
C LEU F 242 -13.68 -22.56 6.65
N VAL F 243 -13.11 -23.78 6.61
CA VAL F 243 -13.86 -24.98 6.96
C VAL F 243 -13.54 -25.45 8.40
N ALA F 244 -14.55 -25.99 9.07
CA ALA F 244 -14.42 -26.26 10.51
C ALA F 244 -13.70 -27.57 10.88
N ASN F 245 -13.29 -28.32 9.86
CA ASN F 245 -12.49 -29.53 10.01
C ASN F 245 -11.93 -30.03 8.68
N ASP F 246 -11.11 -31.08 8.74
CA ASP F 246 -10.46 -31.56 7.54
C ASP F 246 -11.37 -32.40 6.65
N GLN F 247 -12.18 -33.28 7.25
CA GLN F 247 -13.06 -34.06 6.40
C GLN F 247 -13.98 -33.16 5.57
N MET F 248 -14.62 -32.19 6.18
CA MET F 248 -15.51 -31.30 5.41
C MET F 248 -14.74 -30.49 4.36
N ALA F 249 -13.55 -30.04 4.74
CA ALA F 249 -12.64 -29.38 3.81
C ALA F 249 -12.46 -30.24 2.55
N LEU F 250 -12.22 -31.53 2.76
CA LEU F 250 -12.07 -32.47 1.66
C LEU F 250 -13.31 -32.42 0.77
N GLY F 251 -14.49 -32.54 1.38
CA GLY F 251 -15.76 -32.48 0.66
C GLY F 251 -15.97 -31.20 -0.14
N ALA F 252 -15.58 -30.07 0.47
CA ALA F 252 -15.59 -28.78 -0.20
C ALA F 252 -14.76 -28.81 -1.47
N MET F 253 -13.64 -29.51 -1.43
CA MET F 253 -12.74 -29.53 -2.57
C MET F 253 -13.30 -30.38 -3.68
N ARG F 254 -13.74 -31.58 -3.34
CA ARG F 254 -14.52 -32.41 -4.26
C ARG F 254 -15.51 -31.49 -4.96
N ALA F 255 -16.39 -30.86 -4.18
CA ALA F 255 -17.42 -29.97 -4.71
C ALA F 255 -16.88 -28.83 -5.57
N ILE F 256 -15.92 -28.06 -5.04
CA ILE F 256 -15.30 -26.99 -5.79
C ILE F 256 -14.75 -27.51 -7.11
N THR F 257 -13.97 -28.59 -7.03
CA THR F 257 -13.35 -29.21 -8.22
C THR F 257 -14.38 -29.63 -9.25
N GLU F 258 -15.37 -30.40 -8.81
CA GLU F 258 -16.35 -30.92 -9.75
C GLU F 258 -17.15 -29.80 -10.37
N SER F 259 -17.27 -28.69 -9.63
CA SER F 259 -17.90 -27.49 -10.15
C SER F 259 -16.98 -26.75 -11.12
N GLY F 260 -16.02 -27.47 -11.71
CA GLY F 260 -15.12 -26.92 -12.72
C GLY F 260 -14.30 -25.73 -12.23
N LEU F 261 -13.94 -25.72 -10.96
CA LEU F 261 -13.07 -24.67 -10.41
C LEU F 261 -11.80 -25.20 -9.74
N ARG F 262 -10.69 -24.51 -9.97
CA ARG F 262 -9.40 -24.89 -9.42
C ARG F 262 -9.38 -24.65 -7.90
N VAL F 263 -9.23 -25.72 -7.13
CA VAL F 263 -9.13 -25.60 -5.68
C VAL F 263 -7.80 -24.94 -5.39
N GLY F 264 -7.83 -23.97 -4.49
CA GLY F 264 -6.65 -23.18 -4.20
C GLY F 264 -6.57 -21.99 -5.13
N ALA F 265 -6.43 -22.27 -6.43
CA ALA F 265 -6.24 -21.21 -7.42
C ALA F 265 -7.49 -20.37 -7.73
N ASP F 266 -8.67 -20.95 -7.59
CA ASP F 266 -9.92 -20.23 -7.89
C ASP F 266 -10.75 -20.01 -6.64
N ILE F 267 -10.64 -20.92 -5.69
CA ILE F 267 -11.27 -20.80 -4.37
C ILE F 267 -10.37 -21.54 -3.44
N SER F 268 -9.77 -20.85 -2.47
CA SER F 268 -8.91 -21.54 -1.53
C SER F 268 -9.74 -22.14 -0.39
N VAL F 269 -9.23 -23.23 0.18
CA VAL F 269 -9.88 -23.90 1.29
C VAL F 269 -8.90 -23.95 2.44
N VAL F 270 -9.39 -23.74 3.66
CA VAL F 270 -8.62 -23.99 4.89
C VAL F 270 -9.40 -24.92 5.81
N GLY F 271 -8.78 -26.05 6.11
CA GLY F 271 -9.36 -27.06 6.97
C GLY F 271 -9.06 -26.74 8.42
N TYR F 272 -9.15 -27.78 9.24
CA TYR F 272 -8.89 -27.64 10.67
C TYR F 272 -8.63 -29.06 11.15
N ASP F 273 -7.60 -29.25 11.97
CA ASP F 273 -7.23 -30.54 12.55
C ASP F 273 -5.80 -30.90 12.23
N ASP F 274 -5.46 -30.81 10.94
CA ASP F 274 -4.26 -31.41 10.36
C ASP F 274 -4.27 -32.91 10.55
N THR F 275 -5.27 -33.57 9.97
CA THR F 275 -5.36 -35.02 10.04
C THR F 275 -4.22 -35.64 9.26
N GLU F 276 -3.86 -36.88 9.64
CA GLU F 276 -2.92 -37.70 8.86
C GLU F 276 -3.19 -37.61 7.36
N ASP F 277 -4.43 -37.88 6.94
CA ASP F 277 -4.78 -37.89 5.53
C ASP F 277 -4.53 -36.56 4.85
N SER F 278 -4.75 -35.47 5.57
CA SER F 278 -4.84 -34.15 4.94
C SER F 278 -3.58 -33.70 4.22
N SER F 279 -2.47 -34.41 4.42
CA SER F 279 -1.23 -34.14 3.72
C SER F 279 -1.28 -34.72 2.32
N CYS F 280 -2.33 -35.49 2.04
CA CYS F 280 -2.46 -36.15 0.75
C CYS F 280 -3.81 -35.95 0.05
N TYR F 281 -4.56 -34.91 0.42
CA TYR F 281 -5.71 -34.49 -0.40
C TYR F 281 -5.21 -33.91 -1.71
N ILE F 282 -6.08 -33.66 -2.68
CA ILE F 282 -5.63 -33.12 -3.97
C ILE F 282 -6.26 -31.76 -4.27
N PRO F 283 -5.49 -30.68 -4.08
CA PRO F 283 -4.10 -30.71 -3.67
C PRO F 283 -3.99 -30.79 -2.15
N PRO F 284 -2.78 -31.03 -1.63
CA PRO F 284 -2.63 -31.11 -0.20
C PRO F 284 -3.16 -29.85 0.45
N LEU F 285 -3.77 -30.02 1.63
CA LEU F 285 -4.67 -29.04 2.25
C LEU F 285 -4.05 -28.21 3.36
N THR F 286 -4.28 -26.90 3.28
CA THR F 286 -3.86 -25.94 4.32
C THR F 286 -4.79 -26.12 5.51
N THR F 287 -4.22 -26.16 6.71
CA THR F 287 -5.05 -26.45 7.87
C THR F 287 -4.45 -25.98 9.19
N ILE F 288 -5.27 -26.01 10.23
CA ILE F 288 -4.87 -25.61 11.56
C ILE F 288 -4.55 -26.88 12.34
N LYS F 289 -3.32 -26.99 12.81
CA LYS F 289 -2.85 -28.23 13.43
C LYS F 289 -3.29 -28.39 14.89
N GLN F 290 -4.18 -29.32 15.17
CA GLN F 290 -4.50 -29.65 16.56
C GLN F 290 -3.77 -30.93 17.00
N ASP F 291 -2.77 -30.80 17.87
CA ASP F 291 -2.03 -31.99 18.31
C ASP F 291 -2.84 -32.83 19.30
N PHE F 292 -3.61 -33.77 18.78
CA PHE F 292 -4.49 -34.60 19.61
C PHE F 292 -3.80 -35.40 20.70
N ARG F 293 -2.56 -35.85 20.49
CA ARG F 293 -1.93 -36.61 21.56
C ARG F 293 -1.41 -35.70 22.65
N LEU F 294 -1.12 -34.45 22.29
CA LEU F 294 -0.82 -33.45 23.29
C LEU F 294 -2.00 -33.30 24.22
N LEU F 295 -3.20 -33.22 23.65
CA LEU F 295 -4.42 -33.03 24.43
C LEU F 295 -4.72 -34.21 25.32
N GLY F 296 -4.48 -35.43 24.84
CA GLY F 296 -4.67 -36.62 25.65
C GLY F 296 -3.62 -36.68 26.73
N GLN F 297 -2.35 -36.52 26.32
CA GLN F 297 -1.20 -36.55 27.23
C GLN F 297 -1.45 -35.61 28.41
N THR F 298 -1.72 -34.34 28.12
CA THR F 298 -1.99 -33.32 29.13
C THR F 298 -3.26 -33.64 29.91
N SER F 299 -4.30 -34.03 29.20
CA SER F 299 -5.58 -34.32 29.82
C SER F 299 -5.46 -35.27 31.01
N VAL F 300 -4.69 -36.35 30.85
CA VAL F 300 -4.48 -37.33 31.93
C VAL F 300 -3.67 -36.71 33.07
N ASP F 301 -2.51 -36.15 32.75
CA ASP F 301 -1.65 -35.51 33.73
C ASP F 301 -2.46 -34.60 34.65
N ARG F 302 -3.25 -33.71 34.06
CA ARG F 302 -4.06 -32.78 34.84
C ARG F 302 -5.08 -33.50 35.71
N LEU F 303 -5.75 -34.52 35.17
CA LEU F 303 -6.69 -35.28 35.98
C LEU F 303 -6.00 -35.85 37.20
N LEU F 304 -4.78 -36.37 37.05
CA LEU F 304 -4.07 -36.96 38.20
C LEU F 304 -3.68 -35.89 39.20
N GLN F 305 -3.14 -34.78 38.69
CA GLN F 305 -2.81 -33.64 39.53
C GLN F 305 -4.05 -33.15 40.27
N LEU F 306 -5.18 -33.10 39.58
CA LEU F 306 -6.44 -32.69 40.20
C LEU F 306 -6.89 -33.65 41.30
N SER F 307 -6.53 -34.92 41.18
CA SER F 307 -6.85 -35.88 42.23
C SER F 307 -5.95 -35.65 43.42
N GLN F 308 -4.67 -35.37 43.15
CA GLN F 308 -3.70 -34.97 44.18
C GLN F 308 -4.06 -33.65 44.87
N GLY F 309 -4.92 -32.87 44.21
CA GLY F 309 -5.31 -31.54 44.66
C GLY F 309 -4.18 -30.55 44.49
N GLN F 310 -3.36 -30.76 43.46
CA GLN F 310 -2.23 -29.86 43.13
C GLN F 310 -2.72 -28.46 42.76
N ALA F 311 -4.01 -28.38 42.40
CA ALA F 311 -4.73 -27.14 42.16
C ALA F 311 -4.24 -26.32 40.96
N VAL F 312 -4.34 -26.92 39.77
CA VAL F 312 -4.39 -26.15 38.54
C VAL F 312 -5.84 -26.23 38.12
N LYS F 313 -6.68 -25.49 38.85
CA LYS F 313 -8.12 -25.50 38.65
C LYS F 313 -8.50 -24.49 37.57
N GLY F 314 -9.52 -24.82 36.79
CA GLY F 314 -10.04 -23.91 35.77
C GLY F 314 -9.90 -24.37 34.33
N ASN F 315 -9.50 -23.43 33.47
CA ASN F 315 -9.48 -23.62 32.03
C ASN F 315 -8.08 -23.52 31.45
N GLN F 316 -7.78 -24.37 30.49
CA GLN F 316 -6.43 -24.49 29.94
C GLN F 316 -6.52 -24.49 28.43
N LEU F 317 -5.78 -23.61 27.76
CA LEU F 317 -5.82 -23.60 26.31
C LEU F 317 -4.55 -24.23 25.78
N LEU F 318 -4.67 -25.22 24.89
CA LEU F 318 -3.50 -25.81 24.21
C LEU F 318 -3.20 -25.08 22.90
N PRO F 319 -1.93 -25.01 22.49
CA PRO F 319 -1.58 -24.22 21.33
C PRO F 319 -1.99 -24.90 20.02
N VAL F 320 -2.15 -24.11 18.95
CA VAL F 320 -2.32 -24.66 17.59
C VAL F 320 -1.36 -23.93 16.66
N SER F 321 -1.43 -24.21 15.36
CA SER F 321 -0.44 -23.68 14.42
C SER F 321 -0.93 -23.82 12.98
N LEU F 322 -0.50 -22.90 12.11
CA LEU F 322 -0.94 -22.97 10.71
C LEU F 322 0.01 -23.76 9.83
N VAL F 323 -0.53 -24.83 9.25
CA VAL F 323 0.18 -25.67 8.30
C VAL F 323 -0.16 -25.16 6.91
N LYS F 324 0.80 -24.46 6.30
CA LYS F 324 0.60 -23.88 4.97
C LYS F 324 0.72 -24.97 3.90
N ARG F 325 -0.20 -25.01 2.95
CA ARG F 325 -0.20 -26.08 1.95
C ARG F 325 -0.65 -25.56 0.58
N LYS F 326 -0.80 -26.44 -0.39
CA LYS F 326 -1.09 -25.99 -1.77
C LYS F 326 -2.58 -25.70 -2.08
N THR F 327 -3.37 -25.44 -1.04
CA THR F 327 -4.79 -25.05 -1.23
C THR F 327 -5.07 -23.59 -0.87
N THR F 328 -4.01 -22.78 -0.74
CA THR F 328 -4.17 -21.33 -0.53
C THR F 328 -3.32 -20.49 -1.50
C1 145 G . 2.92 14.93 -24.16
C2 145 G . 3.70 13.65 -23.84
O2 145 G . 4.42 13.17 -24.97
C3 145 G . 2.79 12.51 -23.42
O3 145 G . 3.60 11.43 -22.98
C4 145 G . 1.86 12.94 -22.28
O4 145 G . 2.63 13.10 -21.09
C5 145 G . 1.18 14.25 -22.63
C6 145 G . 0.52 14.76 -21.38
O6 145 G . 0.74 16.16 -21.30
O5 145 G . 2.11 15.26 -23.04
O1 145 G . 3.72 16.12 -24.16
C1' 145 G . 4.20 16.60 -25.35
C2' 145 G . 4.16 17.97 -25.14
C3' 145 G . 5.32 18.73 -24.97
C4' 145 G . 6.58 18.12 -25.04
C5' 145 G . 6.66 16.76 -25.29
C6' 145 G . 5.49 16.04 -25.46
N1' 145 G . 3.00 18.61 -25.04
O2' 145 G . 2.97 20.00 -24.79
O3' 145 G . 1.79 17.90 -25.19
C1 145 H . 8.47 8.43 -2.96
C2 145 H . 7.85 7.46 -3.97
O2 145 H . 7.25 6.34 -3.31
C3 145 H . 8.91 6.94 -4.93
O3 145 H . 8.30 6.20 -5.97
C4 145 H . 9.65 8.07 -5.59
O4 145 H . 8.72 8.82 -6.37
C5 145 H . 10.19 8.97 -4.50
C6 145 H . 10.85 10.15 -5.20
O6 145 H . 10.87 11.23 -4.28
O5 145 H . 9.08 9.43 -3.76
O1 145 H . 7.57 9.32 -2.26
C1' 145 H . 6.93 8.96 -1.09
C2' 145 H . 6.84 10.16 -0.36
C3' 145 H . 5.62 10.75 -0.05
C4' 145 H . 4.41 10.19 -0.43
C5' 145 H . 4.44 9.00 -1.13
C6' 145 H . 5.68 8.43 -1.41
N1' 145 H . 7.93 10.77 0.03
O2' 145 H . 7.80 11.97 0.75
O3' 145 H . 9.22 10.26 -0.24
C1 145 I . -13.27 -32.19 16.45
C2 145 I . -12.46 -32.33 15.17
O2 145 I . -11.71 -31.16 14.97
C3 145 I . -13.36 -32.53 13.96
O3 145 I . -12.55 -32.76 12.79
C4 145 I . -14.38 -33.67 14.14
O4 145 I . -13.77 -34.97 13.92
C5 145 I . -15.02 -33.61 15.54
C6 145 I . -15.70 -34.92 15.91
O6 145 I . -16.23 -34.75 17.21
O5 145 I . -14.09 -33.36 16.62
O1 145 I . -12.42 -32.30 17.58
C1' 145 I . -12.16 -31.18 18.31
C2' 145 I . -12.41 -31.50 19.66
C3' 145 I . -11.39 -31.70 20.58
C4' 145 I . -10.07 -31.56 20.20
C5' 145 I . -9.80 -31.23 18.87
C6' 145 I . -10.83 -31.04 17.96
N1' 145 I . -13.65 -31.67 20.11
O2' 145 I . -13.83 -31.99 21.50
O3' 145 I . -14.77 -31.51 19.27
#